data_7Z3L
#
_entry.id   7Z3L
#
_cell.length_a   62.842
_cell.length_b   88.709
_cell.length_c   77.030
_cell.angle_alpha   90.000
_cell.angle_beta   102.835
_cell.angle_gamma   90.000
#
_symmetry.space_group_name_H-M   'P 1 21 1'
#
loop_
_entity.id
_entity.type
_entity.pdbx_description
1 polymer 'Isoform 2 of Ectonucleotide pyrophosphatase/phosphodiesterase family member 2'
2 branched alpha-D-mannopyranose-(1-2)-alpha-D-mannopyranose-(1-3)-[alpha-D-mannopyranose-(1-2)-alpha-D-mannopyranose-(1-6)]alpha-D-mannopyranose-(1-6)-[alpha-D-mannopyranose-(1-3)]beta-D-mannopyranose
3 non-polymer 2-acetamido-2-deoxy-beta-D-glucopyranose
4 non-polymer 'ZINC ION'
5 non-polymer 'CALCIUM ION'
6 non-polymer 'IODIDE ION'
7 non-polymer 'THIOCYANATE ION'
8 non-polymer 'SODIUM ION'
9 non-polymer GLYCEROL
10 non-polymer 2-[[2-ethyl-8-methyl-6-[4-[2-(3-oxidanylazetidin-1-yl)-2-oxidanylidene-ethyl]piperazin-1-yl]imidazo[1,2-a]pyridin-3-yl]-methyl-amino]-4-(4-fluorophenyl)-1,3-thiazole-5-carbonitrile
11 water water
#
_entity_poly.entity_id   1
_entity_poly.type   'polypeptide(L)'
_entity_poly.pdbx_seq_one_letter_code
;GSCKGRCFELQEVGPPDCRCDNLCKSYSSCCHDFDELCLKTARGWECTKDRCGEVRNEENACHCSEDCLSRGDCCTNYQV
VCKGESHWVDDDCEEIKVPECPAGFVRPPLIIFSVDGFRASYMKKGSKVMPNIEKLRSCGTHAPYMRPVYPTKTFPNLYT
LATGLYPESHGIVGNSMYDPVFDASFHLRGREKFNHRWWGGQPLWITATKQGVRAGTFFWSVSIPHERRILTILQWLSLP
DNERPSVYAFYSEQPDFSGHKYGPFGPEMTNPLREIDKTVGQLMDGLKQLRLHRCVNVIFVGDHGMEDVTCDRTEFLSNY
LTNVDDITLVPGTLGRIRAKSINNSKYDPKTIIAALTCKKPDQHFKPYMKQHLPKRLHYANNRRIEDIHLLVDRRWHVAR
KPLDVYKKPSGKCFFQGDHGFDNKVNSMQTVFVGYGPTFKYRTKVPPFENIELYNVMCDLLGLKPAPNNGTHGSLNHLLR
TNTFRPTMPDEVSRPNYPGIMYLQSEFDLGCTCDDKVEPKNKLEELNKRLHTKGSTKERHLLYGRPAVLYRTSYDILYHT
DFESGYSEIFLMPLWTSYTISKQAEVSSIPEHLTNCVRPDVRVSPGFSQNCLAYKNDKQMSYGFLFPPYLSSSPEAKYDA
FLVTNMVPMYPAFKRVWAYFQRVLVKKYASERNGVNVISGPIFDYNYDGLRDTEDEIKQYVEGSSIPVPTHYYSIITSCL
DFTQPADKCDGPLSVSSFILPHRPDNDESCASSEDESKWVEELMKMHTARVRDIEHLTGLDFYRKTSRSYSEILTLKTYL
HTYES
;
_entity_poly.pdbx_strand_id   AAA
#
# COMPACT_ATOMS: atom_id res chain seq x y z
N GLY A 1 29.20 34.71 0.22
CA GLY A 1 30.62 35.04 0.49
C GLY A 1 31.36 33.86 1.10
N SER A 2 31.06 33.54 2.37
CA SER A 2 31.73 32.49 3.18
C SER A 2 30.70 31.67 3.97
N CYS A 3 31.08 30.45 4.37
CA CYS A 3 30.31 29.55 5.27
C CYS A 3 30.99 29.52 6.65
N LYS A 4 31.35 30.71 7.17
CA LYS A 4 32.20 30.90 8.38
C LYS A 4 31.58 30.13 9.56
N GLY A 5 30.28 30.33 9.80
CA GLY A 5 29.50 29.59 10.82
C GLY A 5 28.07 29.36 10.36
N ARG A 6 27.89 29.02 9.07
CA ARG A 6 26.57 28.86 8.42
C ARG A 6 26.48 27.48 7.75
N CYS A 7 27.30 26.52 8.18
CA CYS A 7 27.41 25.16 7.59
C CYS A 7 26.11 24.38 7.80
N PHE A 8 25.48 23.94 6.71
CA PHE A 8 24.22 23.14 6.68
C PHE A 8 23.07 23.97 7.27
N GLU A 9 23.02 25.26 6.95
CA GLU A 9 21.93 26.19 7.40
C GLU A 9 20.61 25.72 6.80
N LEU A 10 19.51 25.86 7.56
CA LEU A 10 18.17 25.31 7.24
C LEU A 10 17.28 26.39 6.60
N GLN A 11 17.76 27.63 6.50
CA GLN A 11 17.01 28.79 5.94
C GLN A 11 17.19 28.83 4.42
N GLU A 12 16.45 29.72 3.74
CA GLU A 12 16.54 29.98 2.28
C GLU A 12 17.46 31.19 2.06
N VAL A 13 18.17 31.23 0.93
CA VAL A 13 19.07 32.34 0.52
C VAL A 13 18.84 32.62 -0.97
N GLY A 14 18.21 33.76 -1.29
CA GLY A 14 17.86 34.16 -2.67
C GLY A 14 19.10 34.51 -3.50
N PRO A 15 19.21 34.01 -4.75
CA PRO A 15 20.35 34.34 -5.62
C PRO A 15 20.70 35.82 -5.64
N PRO A 16 22.00 36.22 -5.57
CA PRO A 16 23.12 35.28 -5.46
C PRO A 16 23.37 34.84 -4.01
N ASP A 17 24.47 35.26 -3.38
CA ASP A 17 24.85 34.91 -1.99
C ASP A 17 24.99 33.39 -1.87
N CYS A 18 26.20 32.86 -2.11
CA CYS A 18 26.51 31.40 -2.13
C CYS A 18 25.97 30.74 -0.85
N ARG A 19 25.18 29.68 -1.00
CA ARG A 19 24.47 28.97 0.10
C ARG A 19 25.33 27.79 0.57
N CYS A 20 25.21 27.41 1.85
CA CYS A 20 26.02 26.37 2.52
C CYS A 20 25.10 25.28 3.11
N ASP A 21 24.01 24.97 2.41
CA ASP A 21 22.94 24.02 2.86
C ASP A 21 23.28 22.62 2.34
N ASN A 22 22.29 21.72 2.31
CA ASN A 22 22.48 20.26 2.01
C ASN A 22 22.16 19.98 0.54
N LEU A 23 21.84 21.01 -0.26
CA LEU A 23 21.49 20.89 -1.70
C LEU A 23 22.35 21.82 -2.56
N CYS A 24 23.36 22.49 -1.98
CA CYS A 24 24.21 23.50 -2.68
C CYS A 24 25.05 22.83 -3.77
N LYS A 25 25.48 21.59 -3.52
CA LYS A 25 26.36 20.81 -4.43
C LYS A 25 25.59 20.41 -5.70
N SER A 26 24.34 19.96 -5.55
CA SER A 26 23.50 19.38 -6.63
C SER A 26 23.18 20.43 -7.70
N TYR A 27 23.00 21.69 -7.32
CA TYR A 27 22.79 22.84 -8.24
C TYR A 27 24.12 23.58 -8.47
N SER A 28 25.16 23.26 -7.69
CA SER A 28 26.52 23.85 -7.76
C SER A 28 26.45 25.35 -7.46
N SER A 29 26.09 25.69 -6.22
CA SER A 29 25.94 27.08 -5.71
C SER A 29 26.53 27.20 -4.30
N CYS A 30 27.53 26.38 -3.97
CA CYS A 30 28.26 26.41 -2.68
C CYS A 30 29.36 27.48 -2.74
N CYS A 31 29.73 28.05 -1.59
CA CYS A 31 30.90 28.96 -1.43
C CYS A 31 32.18 28.14 -1.60
N HIS A 32 33.27 28.79 -2.00
CA HIS A 32 34.59 28.14 -2.28
C HIS A 32 35.09 27.38 -1.04
N ASP A 33 34.79 27.88 0.16
CA ASP A 33 35.32 27.38 1.45
C ASP A 33 34.39 26.32 2.06
N PHE A 34 33.20 26.10 1.48
CA PHE A 34 32.18 25.12 1.94
C PHE A 34 32.83 23.76 2.23
N ASP A 35 33.66 23.28 1.30
CA ASP A 35 34.32 21.96 1.35
C ASP A 35 35.36 21.92 2.47
N GLU A 36 36.11 23.02 2.65
CA GLU A 36 37.23 23.14 3.63
C GLU A 36 36.74 23.82 4.91
N LEU A 37 35.44 23.74 5.21
CA LEU A 37 34.82 24.26 6.46
C LEU A 37 33.73 23.29 6.96
N CYS A 38 32.81 22.87 6.09
CA CYS A 38 31.60 22.09 6.43
C CYS A 38 31.82 20.58 6.18
N LEU A 39 32.78 20.21 5.31
CA LEU A 39 33.09 18.80 4.97
C LEU A 39 34.52 18.46 5.44
N LYS A 40 34.80 18.70 6.74
CA LYS A 40 36.11 18.42 7.39
C LYS A 40 36.19 16.92 7.71
N THR A 41 37.30 16.27 7.33
CA THR A 41 37.53 14.80 7.47
C THR A 41 38.75 14.53 8.35
N ALA A 42 39.37 15.57 8.93
CA ALA A 42 40.64 15.50 9.70
C ALA A 42 40.44 14.66 10.96
N ARG A 43 41.29 13.64 11.15
CA ARG A 43 41.36 12.77 12.36
C ARG A 43 40.09 11.92 12.49
N GLY A 44 39.58 11.41 11.37
CA GLY A 44 38.44 10.46 11.32
C GLY A 44 37.19 11.01 11.99
N TRP A 45 36.33 10.10 12.48
CA TRP A 45 35.04 10.42 13.14
C TRP A 45 35.02 9.97 14.60
N GLU A 46 35.94 9.08 15.00
CA GLU A 46 35.98 8.44 16.35
C GLU A 46 37.06 9.10 17.21
N CYS A 47 36.70 9.52 18.42
CA CYS A 47 37.64 10.00 19.48
C CYS A 47 38.54 8.84 19.91
N THR A 48 39.79 9.15 20.27
CA THR A 48 40.81 8.21 20.79
C THR A 48 41.17 8.60 22.22
N LYS A 49 41.84 7.70 22.95
CA LYS A 49 42.17 7.86 24.40
C LYS A 49 43.15 9.03 24.59
N ASP A 50 44.01 9.28 23.60
CA ASP A 50 45.08 10.33 23.65
C ASP A 50 44.54 11.68 23.16
N ARG A 51 43.30 11.73 22.67
CA ARG A 51 42.62 12.97 22.18
C ARG A 51 41.72 13.56 23.27
N CYS A 52 41.53 12.84 24.39
CA CYS A 52 40.64 13.25 25.51
C CYS A 52 41.32 14.35 26.33
N GLY A 53 40.66 15.51 26.46
CA GLY A 53 41.18 16.70 27.16
C GLY A 53 42.11 17.51 26.26
N GLU A 54 41.75 17.66 24.99
CA GLU A 54 42.53 18.41 23.95
C GLU A 54 41.97 19.84 23.85
N VAL A 55 42.81 20.77 23.40
CA VAL A 55 42.41 22.18 23.08
C VAL A 55 41.76 22.19 21.69
N ARG A 56 40.78 23.06 21.47
CA ARG A 56 39.93 23.12 20.25
C ARG A 56 40.80 23.40 19.01
N ASN A 57 40.73 22.51 18.02
CA ASN A 57 41.33 22.68 16.66
C ASN A 57 40.20 22.66 15.64
N GLU A 58 39.95 23.79 14.96
CA GLU A 58 38.75 24.03 14.10
C GLU A 58 38.79 23.12 12.87
N GLU A 59 39.97 22.69 12.43
CA GLU A 59 40.18 21.86 11.21
C GLU A 59 39.65 20.44 11.42
N ASN A 60 39.59 19.98 12.68
CA ASN A 60 39.12 18.61 13.05
C ASN A 60 37.69 18.39 12.54
N ALA A 61 37.38 17.17 12.12
CA ALA A 61 36.06 16.73 11.62
C ALA A 61 35.02 16.86 12.75
N CYS A 62 35.27 16.18 13.88
CA CYS A 62 34.50 16.29 15.15
C CYS A 62 35.48 16.47 16.31
N HIS A 63 35.07 17.21 17.35
CA HIS A 63 35.94 17.69 18.45
C HIS A 63 35.93 16.68 19.60
N CYS A 64 37.02 16.66 20.38
CA CYS A 64 37.23 15.79 21.57
C CYS A 64 37.63 16.65 22.77
N SER A 65 37.21 17.93 22.77
CA SER A 65 37.55 18.96 23.79
C SER A 65 36.45 18.99 24.87
N GLU A 66 36.69 19.73 25.95
CA GLU A 66 35.78 19.88 27.12
C GLU A 66 34.54 20.68 26.72
N ASP A 67 34.71 21.71 25.87
CA ASP A 67 33.66 22.67 25.47
C ASP A 67 32.80 22.10 24.33
N CYS A 68 33.16 20.93 23.79
CA CYS A 68 32.48 20.30 22.62
C CYS A 68 31.00 20.01 22.94
N LEU A 69 30.70 19.66 24.20
CA LEU A 69 29.33 19.37 24.68
C LEU A 69 28.51 20.67 24.71
N SER A 70 29.08 21.75 25.27
CA SER A 70 28.49 23.11 25.33
C SER A 70 28.34 23.67 23.90
N ARG A 71 29.37 23.50 23.07
CA ARG A 71 29.38 23.88 21.63
C ARG A 71 28.39 23.01 20.85
N GLY A 72 28.29 21.74 21.23
CA GLY A 72 27.37 20.76 20.61
C GLY A 72 27.89 20.29 19.26
N ASP A 73 29.16 19.86 19.20
CA ASP A 73 29.81 19.36 17.96
C ASP A 73 30.94 18.36 18.32
N CYS A 74 30.74 17.54 19.35
CA CYS A 74 31.65 16.43 19.75
C CYS A 74 31.58 15.30 18.71
N CYS A 75 32.52 14.37 18.76
CA CYS A 75 32.41 13.02 18.13
C CYS A 75 31.40 12.19 18.93
N THR A 76 30.72 11.24 18.28
CA THR A 76 29.59 10.48 18.87
C THR A 76 30.08 9.58 20.02
N ASN A 77 31.36 9.16 19.98
CA ASN A 77 31.96 8.25 20.98
C ASN A 77 32.84 9.04 21.98
N TYR A 78 32.69 10.36 22.05
CA TYR A 78 33.52 11.27 22.89
C TYR A 78 33.44 10.84 24.36
N GLN A 79 32.23 10.82 24.92
CA GLN A 79 31.97 10.52 26.37
C GLN A 79 32.32 9.06 26.67
N VAL A 80 32.17 8.15 25.70
CA VAL A 80 32.38 6.68 25.87
C VAL A 80 33.85 6.43 26.20
N VAL A 81 34.77 6.99 25.39
CA VAL A 81 36.24 6.73 25.48
C VAL A 81 36.88 7.66 26.53
N CYS A 82 36.38 8.90 26.66
CA CYS A 82 36.96 9.97 27.52
C CYS A 82 36.31 9.95 28.90
N LYS A 83 34.99 10.20 28.98
CA LYS A 83 34.23 10.36 30.25
C LYS A 83 33.85 8.98 30.82
N GLY A 84 34.27 7.90 30.15
CA GLY A 84 34.09 6.51 30.63
C GLY A 84 32.64 6.06 30.61
N GLU A 85 31.82 6.67 29.74
CA GLU A 85 30.40 6.31 29.55
C GLU A 85 30.32 5.00 28.76
N SER A 86 29.14 4.36 28.76
CA SER A 86 28.84 3.12 28.02
C SER A 86 28.15 3.47 26.69
N HIS A 87 28.33 2.64 25.66
CA HIS A 87 27.57 2.69 24.39
C HIS A 87 26.08 2.47 24.71
N TRP A 88 25.19 3.17 24.00
CA TRP A 88 23.72 3.05 24.14
C TRP A 88 23.30 1.57 24.00
N VAL A 89 23.94 0.85 23.07
CA VAL A 89 23.66 -0.58 22.76
C VAL A 89 23.98 -1.45 23.97
N ASP A 90 25.02 -1.11 24.74
CA ASP A 90 25.53 -1.90 25.89
C ASP A 90 24.57 -1.77 27.08
N ASP A 91 23.85 -0.65 27.18
CA ASP A 91 22.93 -0.34 28.31
C ASP A 91 21.79 -1.37 28.37
N ASP A 92 21.26 -1.60 29.57
CA ASP A 92 20.05 -2.44 29.80
C ASP A 92 18.84 -1.72 29.20
N CYS A 93 17.93 -2.48 28.56
CA CYS A 93 16.67 -1.95 27.96
C CYS A 93 15.75 -1.46 29.08
N GLU A 94 15.40 -0.17 29.06
CA GLU A 94 14.55 0.49 30.09
C GLU A 94 13.34 1.14 29.40
N GLU A 95 12.15 0.91 29.95
CA GLU A 95 10.85 1.45 29.43
C GLU A 95 10.86 2.97 29.56
N ILE A 96 10.39 3.67 28.52
CA ILE A 96 10.27 5.16 28.46
C ILE A 96 8.78 5.51 28.65
N LYS A 97 8.34 5.65 29.90
CA LYS A 97 6.92 5.92 30.28
C LYS A 97 6.55 7.36 29.90
N VAL A 98 7.53 8.27 29.87
CA VAL A 98 7.34 9.71 29.57
C VAL A 98 8.58 10.22 28.84
N PRO A 99 8.45 11.13 27.84
CA PRO A 99 9.60 11.73 27.17
C PRO A 99 10.48 12.55 28.13
N GLU A 100 11.76 12.21 28.23
CA GLU A 100 12.77 12.87 29.10
C GLU A 100 13.60 13.84 28.26
N CYS A 101 13.08 15.04 28.02
CA CYS A 101 13.69 16.11 27.18
C CYS A 101 14.12 17.27 28.07
N PRO A 102 15.21 18.00 27.71
CA PRO A 102 15.57 19.24 28.39
C PRO A 102 14.48 20.32 28.26
N ALA A 103 14.47 21.30 29.18
CA ALA A 103 13.52 22.44 29.20
C ALA A 103 13.71 23.27 27.92
N GLY A 104 12.60 23.71 27.31
CA GLY A 104 12.59 24.46 26.04
C GLY A 104 11.98 23.64 24.91
N PHE A 105 12.20 22.33 24.92
CA PHE A 105 11.58 21.34 23.99
C PHE A 105 10.06 21.36 24.19
N VAL A 106 9.31 21.75 23.16
CA VAL A 106 7.82 21.86 23.18
C VAL A 106 7.22 20.50 22.81
N ARG A 107 7.86 19.77 21.89
CA ARG A 107 7.45 18.40 21.46
C ARG A 107 8.68 17.50 21.40
N PRO A 108 8.54 16.18 21.65
CA PRO A 108 9.65 15.24 21.49
C PRO A 108 10.02 15.08 20.02
N PRO A 109 11.31 15.25 19.63
CA PRO A 109 11.70 15.21 18.21
C PRO A 109 11.47 13.85 17.52
N LEU A 110 11.49 13.86 16.19
CA LEU A 110 11.30 12.65 15.33
C LEU A 110 12.51 12.51 14.38
N ILE A 111 13.22 11.38 14.46
CA ILE A 111 14.33 10.99 13.53
C ILE A 111 13.84 9.83 12.65
N ILE A 112 13.77 10.04 11.34
CA ILE A 112 13.42 8.99 10.35
C ILE A 112 14.70 8.44 9.73
N PHE A 113 15.11 7.23 10.16
CA PHE A 113 16.29 6.49 9.63
C PHE A 113 15.82 5.53 8.54
N SER A 114 15.76 6.02 7.29
CA SER A 114 15.33 5.26 6.10
C SER A 114 16.53 4.51 5.49
N VAL A 115 16.38 3.21 5.27
CA VAL A 115 17.45 2.31 4.71
C VAL A 115 16.96 1.76 3.37
N ASP A 116 17.73 2.02 2.30
CA ASP A 116 17.37 1.65 0.90
C ASP A 116 17.56 0.14 0.72
N GLY A 117 16.51 -0.55 0.25
CA GLY A 117 16.53 -1.98 -0.12
C GLY A 117 16.82 -2.89 1.07
N PHE A 118 16.22 -2.60 2.22
CA PHE A 118 16.36 -3.40 3.48
C PHE A 118 15.28 -4.48 3.51
N ARG A 119 15.67 -5.71 3.19
CA ARG A 119 14.82 -6.94 3.22
C ARG A 119 14.39 -7.21 4.67
N ALA A 120 13.15 -7.66 4.87
CA ALA A 120 12.51 -7.89 6.18
C ALA A 120 13.22 -9.02 6.94
N SER A 121 13.78 -10.00 6.23
CA SER A 121 14.39 -11.23 6.78
C SER A 121 15.84 -10.99 7.22
N TYR A 122 16.40 -9.80 6.99
CA TYR A 122 17.76 -9.41 7.44
C TYR A 122 17.78 -9.33 8.98
N MET A 123 16.64 -9.03 9.60
CA MET A 123 16.47 -8.92 11.07
C MET A 123 16.73 -10.28 11.74
N LYS A 124 16.55 -11.39 11.01
CA LYS A 124 16.83 -12.77 11.48
C LYS A 124 18.29 -12.90 11.90
N LYS A 125 19.21 -12.20 11.22
CA LYS A 125 20.67 -12.22 11.49
C LYS A 125 20.91 -11.87 12.97
N GLY A 126 20.17 -10.89 13.49
CA GLY A 126 20.07 -10.59 14.93
C GLY A 126 21.19 -9.70 15.43
N SER A 127 21.53 -9.82 16.72
CA SER A 127 22.48 -8.96 17.46
C SER A 127 23.93 -9.23 17.01
N LYS A 128 24.20 -10.42 16.47
CA LYS A 128 25.55 -10.84 15.99
C LYS A 128 26.05 -9.88 14.92
N VAL A 129 25.20 -9.55 13.95
CA VAL A 129 25.53 -8.64 12.80
C VAL A 129 25.10 -7.21 13.13
N MET A 130 23.90 -7.04 13.70
CA MET A 130 23.27 -5.72 13.98
C MET A 130 22.83 -5.66 15.44
N PRO A 131 23.75 -5.38 16.40
CA PRO A 131 23.38 -5.26 17.81
C PRO A 131 22.51 -4.04 18.16
N ASN A 132 22.82 -2.88 17.57
CA ASN A 132 22.11 -1.59 17.84
C ASN A 132 20.67 -1.66 17.31
N ILE A 133 20.48 -2.16 16.08
CA ILE A 133 19.16 -2.23 15.40
C ILE A 133 18.29 -3.29 16.10
N GLU A 134 18.91 -4.39 16.55
CA GLU A 134 18.23 -5.48 17.31
C GLU A 134 17.63 -4.92 18.60
N LYS A 135 18.36 -4.02 19.28
CA LYS A 135 17.92 -3.36 20.55
C LYS A 135 16.70 -2.48 20.26
N LEU A 136 16.79 -1.60 19.25
CA LEU A 136 15.68 -0.72 18.80
C LEU A 136 14.43 -1.57 18.55
N ARG A 137 14.58 -2.65 17.78
CA ARG A 137 13.50 -3.58 17.38
C ARG A 137 12.92 -4.26 18.62
N SER A 138 13.77 -4.83 19.47
CA SER A 138 13.41 -5.63 20.66
C SER A 138 12.76 -4.74 21.73
N CYS A 139 13.28 -3.52 21.93
CA CYS A 139 12.84 -2.57 22.99
C CYS A 139 11.58 -1.81 22.55
N GLY A 140 11.59 -1.25 21.34
CA GLY A 140 10.50 -0.42 20.80
C GLY A 140 9.39 -1.24 20.17
N THR A 141 8.58 -0.61 19.30
CA THR A 141 7.49 -1.24 18.53
C THR A 141 8.02 -1.66 17.16
N HIS A 142 7.83 -2.93 16.78
CA HIS A 142 8.30 -3.51 15.49
C HIS A 142 7.20 -4.38 14.88
N ALA A 143 7.25 -4.55 13.55
CA ALA A 143 6.41 -5.49 12.78
C ALA A 143 7.29 -6.59 12.20
N PRO A 144 6.76 -7.83 12.00
CA PRO A 144 7.49 -8.87 11.29
C PRO A 144 8.02 -8.39 9.93
N TYR A 145 7.24 -7.55 9.25
CA TYR A 145 7.61 -6.85 7.99
C TYR A 145 6.62 -5.71 7.71
N MET A 146 6.98 -4.79 6.83
CA MET A 146 6.11 -3.69 6.33
C MET A 146 5.97 -3.83 4.81
N ARG A 147 4.76 -3.61 4.28
CA ARG A 147 4.45 -3.74 2.84
C ARG A 147 4.74 -2.41 2.15
N PRO A 148 5.67 -2.37 1.17
CA PRO A 148 5.85 -1.19 0.33
C PRO A 148 4.71 -1.04 -0.71
N VAL A 149 4.76 0.03 -1.51
CA VAL A 149 3.80 0.28 -2.63
C VAL A 149 4.46 -0.19 -3.94
N TYR A 150 3.63 -0.53 -4.94
CA TYR A 150 4.07 -0.93 -6.30
C TYR A 150 4.28 0.34 -7.13
N PRO A 151 5.35 0.43 -7.96
CA PRO A 151 6.42 -0.57 -8.00
C PRO A 151 7.35 -0.45 -6.79
N THR A 152 7.90 -1.58 -6.31
CA THR A 152 8.78 -1.65 -5.11
C THR A 152 10.17 -1.11 -5.48
N LYS A 153 10.22 0.16 -5.92
CA LYS A 153 11.45 0.91 -6.28
C LYS A 153 11.70 1.97 -5.21
N THR A 154 12.85 2.64 -5.27
CA THR A 154 13.36 3.57 -4.22
C THR A 154 12.47 4.83 -4.15
N PHE A 155 12.27 5.51 -5.29
CA PHE A 155 11.68 6.88 -5.35
C PHE A 155 10.19 6.83 -5.01
N PRO A 156 9.38 5.94 -5.62
CA PRO A 156 7.95 5.88 -5.30
C PRO A 156 7.64 5.58 -3.83
N ASN A 157 8.47 4.76 -3.18
CA ASN A 157 8.26 4.25 -1.79
C ASN A 157 8.69 5.31 -0.77
N LEU A 158 9.86 5.94 -0.99
CA LEU A 158 10.39 7.01 -0.09
C LEU A 158 9.41 8.18 -0.06
N TYR A 159 8.85 8.56 -1.21
CA TYR A 159 7.90 9.70 -1.34
C TYR A 159 6.50 9.28 -0.90
N THR A 160 6.19 7.97 -0.92
CA THR A 160 4.95 7.39 -0.33
C THR A 160 5.02 7.52 1.20
N LEU A 161 6.17 7.20 1.80
CA LEU A 161 6.45 7.39 3.25
C LEU A 161 6.28 8.86 3.62
N ALA A 162 6.76 9.77 2.75
CA ALA A 162 6.77 11.24 2.96
C ALA A 162 5.35 11.81 2.92
N THR A 163 4.49 11.30 2.02
CA THR A 163 3.16 11.88 1.69
C THR A 163 2.01 11.01 2.19
N GLY A 164 2.24 9.71 2.42
CA GLY A 164 1.18 8.74 2.77
C GLY A 164 0.27 8.45 1.60
N LEU A 165 0.74 8.70 0.36
CA LEU A 165 -0.06 8.59 -0.89
C LEU A 165 0.45 7.42 -1.73
N TYR A 166 -0.44 6.83 -2.55
CA TYR A 166 -0.09 5.86 -3.61
C TYR A 166 0.73 6.59 -4.67
N PRO A 167 1.78 5.96 -5.25
CA PRO A 167 2.56 6.58 -6.32
C PRO A 167 1.76 7.27 -7.44
N GLU A 168 0.59 6.73 -7.80
CA GLU A 168 -0.30 7.29 -8.85
C GLU A 168 -0.85 8.66 -8.40
N SER A 169 -0.98 8.87 -7.08
CA SER A 169 -1.49 10.12 -6.47
C SER A 169 -0.37 11.17 -6.34
N HIS A 170 0.78 10.81 -5.76
CA HIS A 170 1.91 11.75 -5.50
C HIS A 170 2.78 11.91 -6.75
N GLY A 171 2.59 11.07 -7.78
CA GLY A 171 3.07 11.31 -9.15
C GLY A 171 4.41 10.67 -9.46
N ILE A 172 5.14 10.19 -8.44
CA ILE A 172 6.46 9.52 -8.60
C ILE A 172 6.21 8.01 -8.78
N VAL A 173 5.84 7.60 -9.99
CA VAL A 173 5.31 6.24 -10.31
C VAL A 173 6.46 5.27 -10.61
N GLY A 174 7.69 5.78 -10.75
CA GLY A 174 8.90 4.95 -10.94
C GLY A 174 10.17 5.77 -10.83
N ASN A 175 11.33 5.09 -10.80
CA ASN A 175 12.68 5.72 -10.87
C ASN A 175 12.87 6.34 -12.26
N SER A 176 12.30 5.68 -13.28
CA SER A 176 12.20 6.16 -14.68
C SER A 176 10.74 6.51 -14.99
N MET A 177 10.48 7.71 -15.52
CA MET A 177 9.11 8.19 -15.88
C MET A 177 9.19 9.12 -17.10
N TYR A 178 8.13 9.12 -17.92
CA TYR A 178 7.90 10.08 -19.02
C TYR A 178 6.51 10.71 -18.86
N ASP A 179 6.46 12.05 -18.79
CA ASP A 179 5.20 12.84 -18.68
C ASP A 179 4.86 13.40 -20.05
N PRO A 180 3.68 13.08 -20.63
CA PRO A 180 3.33 13.52 -21.99
C PRO A 180 2.99 15.01 -22.10
N VAL A 181 2.56 15.64 -21.00
CA VAL A 181 2.14 17.07 -20.94
C VAL A 181 3.39 17.95 -20.83
N PHE A 182 4.38 17.54 -20.04
CA PHE A 182 5.69 18.24 -19.89
C PHE A 182 6.55 18.01 -21.14
N ASP A 183 6.44 16.82 -21.74
CA ASP A 183 7.27 16.35 -22.87
C ASP A 183 8.74 16.26 -22.41
N ALA A 184 8.94 15.76 -21.19
CA ALA A 184 10.26 15.59 -20.53
C ALA A 184 10.29 14.29 -19.74
N SER A 185 11.48 13.74 -19.49
CA SER A 185 11.70 12.44 -18.80
C SER A 185 12.31 12.67 -17.42
N PHE A 186 11.81 11.95 -16.41
CA PHE A 186 12.36 11.86 -15.03
C PHE A 186 13.16 10.57 -14.93
N HIS A 187 14.39 10.65 -14.42
CA HIS A 187 15.33 9.49 -14.28
C HIS A 187 16.08 9.57 -12.94
N LEU A 188 16.63 8.44 -12.50
CA LEU A 188 17.43 8.29 -11.26
C LEU A 188 18.71 9.13 -11.39
N ARG A 189 19.29 9.16 -12.59
CA ARG A 189 20.45 10.04 -12.97
C ARG A 189 19.94 11.18 -13.84
N GLY A 190 20.16 12.43 -13.42
CA GLY A 190 19.73 13.64 -14.16
C GLY A 190 19.49 14.82 -13.22
N ARG A 191 19.32 16.02 -13.80
CA ARG A 191 19.01 17.28 -13.07
C ARG A 191 17.50 17.48 -12.98
N GLU A 192 16.73 16.80 -13.85
CA GLU A 192 15.25 16.98 -13.99
C GLU A 192 14.53 16.49 -12.73
N LYS A 193 15.13 15.55 -11.99
CA LYS A 193 14.52 14.92 -10.78
C LYS A 193 14.51 15.91 -9.60
N PHE A 194 15.11 17.09 -9.75
CA PHE A 194 15.12 18.19 -8.74
C PHE A 194 13.99 19.20 -9.03
N ASN A 195 13.37 19.12 -10.21
CA ASN A 195 12.24 20.00 -10.63
C ASN A 195 11.00 19.63 -9.80
N HIS A 196 10.35 20.64 -9.20
CA HIS A 196 9.24 20.49 -8.22
C HIS A 196 7.96 19.95 -8.90
N ARG A 197 7.77 20.25 -10.19
CA ARG A 197 6.53 19.93 -10.96
C ARG A 197 6.23 18.43 -10.91
N TRP A 198 7.26 17.58 -10.87
CA TRP A 198 7.15 16.10 -10.84
C TRP A 198 6.54 15.62 -9.51
N TRP A 199 6.79 16.34 -8.41
CA TRP A 199 6.44 15.93 -7.03
C TRP A 199 5.08 16.50 -6.64
N GLY A 200 4.14 15.64 -6.26
CA GLY A 200 2.77 15.99 -5.88
C GLY A 200 2.49 15.67 -4.42
N GLY A 201 1.23 15.79 -3.99
CA GLY A 201 0.81 15.58 -2.59
C GLY A 201 1.38 16.66 -1.68
N GLN A 202 1.58 16.36 -0.40
CA GLN A 202 2.26 17.22 0.59
C GLN A 202 3.13 16.35 1.49
N PRO A 203 4.47 16.33 1.28
CA PRO A 203 5.36 15.53 2.13
C PRO A 203 5.44 16.10 3.56
N LEU A 204 5.93 15.27 4.50
CA LEU A 204 5.91 15.54 5.96
C LEU A 204 6.56 16.89 6.27
N TRP A 205 7.68 17.22 5.62
CA TRP A 205 8.50 18.44 5.88
C TRP A 205 7.71 19.70 5.50
N ILE A 206 6.86 19.63 4.46
CA ILE A 206 5.99 20.76 4.02
C ILE A 206 4.84 20.92 5.02
N THR A 207 4.22 19.80 5.41
CA THR A 207 3.08 19.75 6.37
C THR A 207 3.51 20.38 7.70
N ALA A 208 4.66 19.98 8.22
CA ALA A 208 5.26 20.48 9.49
C ALA A 208 5.47 21.99 9.40
N THR A 209 6.20 22.45 8.37
CA THR A 209 6.64 23.85 8.17
C THR A 209 5.42 24.80 8.15
N LYS A 210 4.37 24.42 7.41
CA LYS A 210 3.15 25.26 7.20
C LYS A 210 2.28 25.26 8.47
N GLN A 211 2.55 24.37 9.43
CA GLN A 211 1.85 24.29 10.74
C GLN A 211 2.79 24.75 11.86
N GLY A 212 3.87 25.47 11.52
CA GLY A 212 4.77 26.14 12.47
C GLY A 212 5.83 25.21 13.05
N VAL A 213 5.87 23.94 12.61
CA VAL A 213 6.85 22.92 13.08
C VAL A 213 8.03 22.90 12.09
N ARG A 214 9.20 23.39 12.52
CA ARG A 214 10.41 23.50 11.68
C ARG A 214 10.99 22.10 11.44
N ALA A 215 11.48 21.84 10.22
CA ALA A 215 11.97 20.52 9.76
C ALA A 215 13.41 20.65 9.24
N GLY A 216 14.26 19.69 9.57
CA GLY A 216 15.63 19.55 9.03
C GLY A 216 15.61 19.04 7.60
N THR A 217 16.78 18.81 7.00
CA THR A 217 16.92 18.31 5.61
C THR A 217 16.46 16.86 5.56
N PHE A 218 15.70 16.51 4.52
CA PHE A 218 15.24 15.13 4.22
C PHE A 218 16.11 14.54 3.10
N PHE A 219 16.65 15.40 2.22
CA PHE A 219 17.65 15.04 1.18
C PHE A 219 19.04 15.54 1.62
N TRP A 220 20.07 14.72 1.37
CA TRP A 220 21.50 15.05 1.57
C TRP A 220 22.22 15.05 0.21
N SER A 221 22.93 16.13 -0.11
CA SER A 221 23.81 16.24 -1.30
C SER A 221 24.72 15.01 -1.36
N VAL A 222 24.70 14.27 -2.47
CA VAL A 222 25.30 12.91 -2.62
C VAL A 222 26.68 12.86 -1.94
N SER A 223 27.55 13.85 -2.15
CA SER A 223 28.95 13.86 -1.64
C SER A 223 29.02 14.45 -0.23
N ILE A 224 28.18 13.95 0.69
CA ILE A 224 28.26 14.20 2.16
C ILE A 224 28.21 12.84 2.87
N PRO A 225 29.31 12.38 3.52
CA PRO A 225 29.38 11.02 4.07
C PRO A 225 28.40 10.78 5.23
N HIS A 226 28.10 9.52 5.51
CA HIS A 226 27.08 9.05 6.49
C HIS A 226 27.37 9.61 7.89
N GLU A 227 28.65 9.65 8.29
CA GLU A 227 29.10 10.10 9.63
C GLU A 227 28.79 11.60 9.79
N ARG A 228 28.98 12.39 8.73
CA ARG A 228 28.73 13.85 8.70
C ARG A 228 27.24 14.13 8.84
N ARG A 229 26.39 13.31 8.22
CA ARG A 229 24.91 13.43 8.26
C ARG A 229 24.42 13.29 9.69
N ILE A 230 24.92 12.29 10.42
CA ILE A 230 24.59 12.01 11.85
C ILE A 230 25.03 13.22 12.70
N LEU A 231 26.28 13.67 12.53
CA LEU A 231 26.87 14.80 13.29
C LEU A 231 26.06 16.09 13.04
N THR A 232 25.60 16.30 11.80
CA THR A 232 24.84 17.51 11.38
C THR A 232 23.46 17.52 12.07
N ILE A 233 22.80 16.36 12.16
CA ILE A 233 21.49 16.19 12.86
C ILE A 233 21.68 16.49 14.35
N LEU A 234 22.75 15.94 14.95
CA LEU A 234 23.11 16.11 16.38
C LEU A 234 23.46 17.58 16.66
N GLN A 235 24.03 18.29 15.68
CA GLN A 235 24.34 19.74 15.77
C GLN A 235 23.05 20.55 15.71
N TRP A 236 22.12 20.17 14.84
CA TRP A 236 20.78 20.82 14.69
C TRP A 236 19.97 20.66 15.99
N LEU A 237 20.11 19.51 16.67
CA LEU A 237 19.42 19.19 17.95
C LEU A 237 20.00 20.03 19.10
N SER A 238 21.21 20.59 18.92
CA SER A 238 21.92 21.42 19.92
C SER A 238 21.57 22.90 19.76
N LEU A 239 20.89 23.27 18.68
CA LEU A 239 20.48 24.68 18.36
C LEU A 239 19.50 25.18 19.43
N PRO A 240 19.31 26.51 19.57
CA PRO A 240 18.35 27.05 20.53
C PRO A 240 16.89 26.72 20.17
N ASP A 241 15.98 26.89 21.12
CA ASP A 241 14.56 26.46 21.05
C ASP A 241 13.88 27.05 19.81
N ASN A 242 14.12 28.33 19.53
CA ASN A 242 13.42 29.09 18.46
C ASN A 242 13.93 28.67 17.07
N GLU A 243 15.15 28.12 16.99
CA GLU A 243 15.82 27.76 15.71
C GLU A 243 15.80 26.24 15.47
N ARG A 244 15.72 25.43 16.54
CA ARG A 244 15.83 23.95 16.49
C ARG A 244 14.59 23.35 15.81
N PRO A 245 14.77 22.48 14.78
CA PRO A 245 13.65 21.75 14.20
C PRO A 245 13.28 20.48 14.97
N SER A 246 12.04 20.01 14.81
CA SER A 246 11.43 18.89 15.58
C SER A 246 11.42 17.59 14.77
N VAL A 247 11.57 17.65 13.44
CA VAL A 247 11.57 16.45 12.54
C VAL A 247 12.85 16.45 11.70
N TYR A 248 13.56 15.32 11.70
CA TYR A 248 14.78 15.06 10.91
C TYR A 248 14.60 13.77 10.10
N ALA A 249 15.47 13.56 9.11
CA ALA A 249 15.49 12.36 8.24
C ALA A 249 16.94 12.02 7.87
N PHE A 250 17.32 10.75 8.04
CA PHE A 250 18.57 10.14 7.53
C PHE A 250 18.21 9.10 6.46
N TYR A 251 18.94 9.11 5.34
CA TYR A 251 18.78 8.14 4.22
C TYR A 251 20.14 7.49 3.92
N SER A 252 20.17 6.14 3.92
CA SER A 252 21.33 5.31 3.53
C SER A 252 21.02 4.58 2.22
N GLU A 253 22.01 4.48 1.33
CA GLU A 253 21.90 3.82 0.01
C GLU A 253 22.12 2.31 0.16
N GLN A 254 22.68 1.88 1.30
CA GLN A 254 22.88 0.45 1.67
C GLN A 254 21.68 -0.05 2.46
N PRO A 255 21.41 -1.37 2.53
CA PRO A 255 22.19 -2.39 1.83
C PRO A 255 21.72 -2.72 0.41
N ASP A 256 21.11 -1.75 -0.29
CA ASP A 256 20.56 -1.90 -1.66
C ASP A 256 21.69 -2.28 -2.63
N PHE A 257 22.72 -1.44 -2.73
CA PHE A 257 23.84 -1.54 -3.70
C PHE A 257 24.48 -2.94 -3.60
N SER A 258 24.87 -3.35 -2.40
CA SER A 258 25.47 -4.68 -2.11
C SER A 258 24.43 -5.77 -2.38
N GLY A 259 23.15 -5.49 -2.12
CA GLY A 259 22.00 -6.36 -2.43
C GLY A 259 21.89 -6.67 -3.92
N HIS A 260 22.05 -5.64 -4.76
CA HIS A 260 22.03 -5.76 -6.25
C HIS A 260 23.24 -6.55 -6.73
N LYS A 261 24.44 -6.22 -6.23
CA LYS A 261 25.75 -6.69 -6.75
C LYS A 261 25.99 -8.15 -6.37
N TYR A 262 25.69 -8.53 -5.12
CA TYR A 262 25.98 -9.87 -4.54
C TYR A 262 24.70 -10.72 -4.44
N GLY A 263 23.58 -10.11 -4.05
CA GLY A 263 22.28 -10.78 -3.90
C GLY A 263 21.74 -10.69 -2.47
N PRO A 264 20.47 -11.10 -2.22
CA PRO A 264 19.90 -11.03 -0.87
C PRO A 264 20.56 -11.99 0.12
N PHE A 265 20.74 -13.26 -0.29
CA PHE A 265 21.30 -14.36 0.55
C PHE A 265 22.81 -14.49 0.31
N GLY A 266 23.51 -13.35 0.26
CA GLY A 266 24.98 -13.30 0.03
C GLY A 266 25.73 -13.14 1.34
N PRO A 267 26.90 -13.84 1.51
CA PRO A 267 27.73 -13.66 2.70
C PRO A 267 28.44 -12.31 2.74
N GLU A 268 28.43 -11.56 1.63
CA GLU A 268 29.05 -10.21 1.51
C GLU A 268 28.08 -9.13 2.02
N MET A 269 26.86 -9.53 2.42
CA MET A 269 25.79 -8.61 2.91
C MET A 269 26.01 -8.28 4.40
N THR A 270 26.84 -9.07 5.10
CA THR A 270 27.12 -8.93 6.56
C THR A 270 27.73 -7.55 6.85
N ASN A 271 28.80 -7.18 6.12
CA ASN A 271 29.58 -5.92 6.34
C ASN A 271 28.69 -4.71 6.06
N PRO A 272 28.00 -4.61 4.91
CA PRO A 272 27.03 -3.53 4.67
C PRO A 272 25.99 -3.35 5.79
N LEU A 273 25.57 -4.45 6.44
CA LEU A 273 24.60 -4.42 7.57
C LEU A 273 25.32 -4.05 8.87
N ARG A 274 26.59 -4.44 9.02
CA ARG A 274 27.48 -3.97 10.12
C ARG A 274 27.65 -2.45 10.01
N GLU A 275 27.84 -1.95 8.79
CA GLU A 275 28.05 -0.51 8.48
C GLU A 275 26.81 0.30 8.89
N ILE A 276 25.62 -0.15 8.46
CA ILE A 276 24.31 0.48 8.79
C ILE A 276 24.18 0.57 10.32
N ASP A 277 24.44 -0.54 11.02
CA ASP A 277 24.32 -0.66 12.49
C ASP A 277 25.25 0.35 13.18
N LYS A 278 26.49 0.48 12.70
CA LYS A 278 27.50 1.42 13.26
C LYS A 278 26.98 2.86 13.13
N THR A 279 26.41 3.21 11.98
CA THR A 279 25.80 4.54 11.68
C THR A 279 24.64 4.80 12.66
N VAL A 280 23.82 3.78 12.92
CA VAL A 280 22.72 3.84 13.92
C VAL A 280 23.33 3.99 15.33
N GLY A 281 24.39 3.24 15.61
CA GLY A 281 25.13 3.30 16.89
C GLY A 281 25.68 4.68 17.17
N GLN A 282 26.19 5.36 16.13
CA GLN A 282 26.73 6.75 16.21
C GLN A 282 25.58 7.71 16.56
N LEU A 283 24.41 7.53 15.95
CA LEU A 283 23.20 8.38 16.21
C LEU A 283 22.78 8.22 17.67
N MET A 284 22.55 6.98 18.13
CA MET A 284 22.01 6.65 19.48
C MET A 284 23.00 7.08 20.57
N ASP A 285 24.30 6.82 20.37
CA ASP A 285 25.38 7.30 21.26
C ASP A 285 25.40 8.83 21.27
N GLY A 286 25.26 9.45 20.09
CA GLY A 286 25.23 10.91 19.91
C GLY A 286 24.06 11.55 20.64
N LEU A 287 22.87 10.94 20.54
CA LEU A 287 21.63 11.39 21.24
C LEU A 287 21.84 11.27 22.76
N LYS A 288 22.53 10.22 23.20
CA LYS A 288 22.81 9.94 24.64
C LYS A 288 23.76 11.00 25.20
N GLN A 289 24.69 11.52 24.38
CA GLN A 289 25.64 12.60 24.75
C GLN A 289 24.89 13.92 24.93
N LEU A 290 23.79 14.12 24.18
CA LEU A 290 22.94 15.33 24.23
C LEU A 290 21.81 15.13 25.24
N ARG A 291 21.70 13.94 25.85
CA ARG A 291 20.64 13.53 26.80
C ARG A 291 19.27 13.59 26.09
N LEU A 292 19.18 13.04 24.88
CA LEU A 292 17.95 12.98 24.06
C LEU A 292 17.63 11.53 23.67
N HIS A 293 18.30 10.55 24.30
CA HIS A 293 18.18 9.09 23.99
C HIS A 293 16.88 8.52 24.56
N ARG A 294 16.24 9.22 25.50
CA ARG A 294 14.90 8.88 26.07
C ARG A 294 13.96 10.07 25.89
N CYS A 295 14.20 10.87 24.85
CA CYS A 295 13.41 12.07 24.45
C CYS A 295 12.87 11.91 23.02
N VAL A 296 13.70 11.38 22.11
CA VAL A 296 13.52 11.46 20.63
C VAL A 296 12.81 10.20 20.13
N ASN A 297 11.84 10.38 19.23
CA ASN A 297 11.16 9.29 18.47
C ASN A 297 12.07 8.87 17.32
N VAL A 298 12.48 7.58 17.29
CA VAL A 298 13.35 7.01 16.23
C VAL A 298 12.53 6.00 15.42
N ILE A 299 12.40 6.25 14.11
CA ILE A 299 11.76 5.33 13.12
C ILE A 299 12.85 4.73 12.23
N PHE A 300 13.10 3.43 12.33
CA PHE A 300 13.98 2.64 11.43
C PHE A 300 13.12 1.95 10.38
N VAL A 301 13.04 2.54 9.18
CA VAL A 301 12.10 2.13 8.10
C VAL A 301 12.90 1.83 6.83
N GLY A 302 12.40 0.92 6.00
CA GLY A 302 12.94 0.60 4.66
C GLY A 302 11.95 0.95 3.56
N ASP A 303 12.44 1.10 2.33
CA ASP A 303 11.61 1.47 1.15
C ASP A 303 11.14 0.21 0.42
N HIS A 304 11.87 -0.90 0.51
CA HIS A 304 11.55 -2.20 -0.13
C HIS A 304 12.60 -3.25 0.24
N GLY A 305 12.42 -4.49 -0.22
CA GLY A 305 13.34 -5.62 0.01
C GLY A 305 14.22 -5.88 -1.20
N MET A 306 14.59 -7.14 -1.44
CA MET A 306 15.50 -7.58 -2.53
C MET A 306 15.29 -9.06 -2.82
N GLU A 307 15.26 -9.44 -4.10
CA GLU A 307 15.05 -10.83 -4.60
C GLU A 307 16.30 -11.27 -5.38
N ASP A 308 16.52 -12.59 -5.46
CA ASP A 308 17.59 -13.21 -6.31
C ASP A 308 17.16 -13.10 -7.78
N VAL A 309 17.77 -12.16 -8.53
CA VAL A 309 17.47 -11.89 -9.96
C VAL A 309 18.78 -11.91 -10.76
N THR A 310 18.91 -12.82 -11.73
CA THR A 310 20.11 -13.03 -12.57
C THR A 310 19.82 -12.63 -14.02
N CYS A 311 20.87 -12.30 -14.77
CA CYS A 311 20.81 -11.83 -16.19
C CYS A 311 20.35 -12.98 -17.11
N ASP A 312 20.65 -14.23 -16.75
CA ASP A 312 20.27 -15.44 -17.54
C ASP A 312 18.75 -15.67 -17.45
N ARG A 313 18.12 -15.21 -16.35
CA ARG A 313 16.65 -15.24 -16.15
C ARG A 313 16.03 -13.93 -16.65
N THR A 314 16.01 -13.73 -17.98
CA THR A 314 15.46 -12.53 -18.65
C THR A 314 14.55 -12.96 -19.81
N GLU A 315 13.39 -12.32 -19.93
CA GLU A 315 12.44 -12.44 -21.08
C GLU A 315 12.71 -11.31 -22.06
N PHE A 316 12.53 -11.57 -23.37
CA PHE A 316 12.76 -10.59 -24.46
C PHE A 316 11.50 -10.49 -25.32
N LEU A 317 11.01 -9.25 -25.53
CA LEU A 317 9.77 -8.94 -26.29
C LEU A 317 9.97 -9.27 -27.77
N SER A 318 11.23 -9.38 -28.22
CA SER A 318 11.64 -9.74 -29.60
C SER A 318 11.22 -11.18 -29.94
N ASN A 319 10.91 -12.00 -28.92
CA ASN A 319 10.41 -13.39 -29.09
C ASN A 319 8.87 -13.41 -29.06
N TYR A 320 8.23 -12.24 -29.13
CA TYR A 320 6.74 -12.06 -29.12
C TYR A 320 6.33 -11.04 -30.19
N LEU A 321 6.90 -9.84 -30.14
CA LEU A 321 6.63 -8.71 -31.07
C LEU A 321 7.58 -8.80 -32.26
N THR A 322 7.05 -8.71 -33.48
CA THR A 322 7.80 -8.81 -34.77
C THR A 322 8.62 -7.52 -34.97
N ASN A 323 8.03 -6.36 -34.70
CA ASN A 323 8.70 -5.03 -34.77
C ASN A 323 8.91 -4.51 -33.35
N VAL A 324 10.17 -4.54 -32.87
CA VAL A 324 10.58 -4.14 -31.50
C VAL A 324 11.03 -2.67 -31.51
N ASP A 325 11.36 -2.13 -32.69
CA ASP A 325 11.88 -0.75 -32.89
C ASP A 325 10.72 0.26 -32.99
N ASP A 326 9.48 -0.20 -32.79
CA ASP A 326 8.25 0.65 -32.82
C ASP A 326 7.89 1.09 -31.39
N ILE A 327 8.27 0.30 -30.37
CA ILE A 327 7.86 0.51 -28.95
C ILE A 327 9.07 0.99 -28.13
N THR A 328 8.80 1.80 -27.09
CA THR A 328 9.73 2.14 -25.98
C THR A 328 9.30 1.34 -24.75
N LEU A 329 10.23 0.62 -24.11
CA LEU A 329 10.00 -0.20 -22.91
C LEU A 329 10.73 0.41 -21.71
N VAL A 330 10.11 0.37 -20.53
CA VAL A 330 10.76 0.58 -19.20
C VAL A 330 11.06 -0.80 -18.62
N PRO A 331 12.27 -1.36 -18.84
CA PRO A 331 12.53 -2.77 -18.57
C PRO A 331 12.89 -3.07 -17.11
N GLY A 332 13.12 -4.35 -16.80
CA GLY A 332 13.58 -4.84 -15.48
C GLY A 332 12.52 -5.67 -14.79
N THR A 333 12.32 -5.42 -13.48
CA THR A 333 11.41 -6.17 -12.57
C THR A 333 9.94 -5.81 -12.88
N LEU A 334 9.71 -4.79 -13.71
CA LEU A 334 8.38 -4.43 -14.25
C LEU A 334 8.54 -3.96 -15.70
N GLY A 335 7.44 -3.86 -16.44
CA GLY A 335 7.42 -3.40 -17.85
C GLY A 335 6.37 -2.32 -18.06
N ARG A 336 6.75 -1.23 -18.73
CA ARG A 336 5.83 -0.15 -19.19
C ARG A 336 6.14 0.14 -20.67
N ILE A 337 5.19 -0.18 -21.56
CA ILE A 337 5.36 -0.08 -23.04
C ILE A 337 4.55 1.11 -23.56
N ARG A 338 5.18 1.95 -24.39
CA ARG A 338 4.51 3.00 -25.21
C ARG A 338 5.18 3.04 -26.59
N ALA A 339 4.65 3.85 -27.51
CA ALA A 339 5.21 4.08 -28.86
C ALA A 339 6.53 4.87 -28.72
N LYS A 340 7.57 4.47 -29.46
CA LYS A 340 8.89 5.15 -29.49
C LYS A 340 8.72 6.60 -29.97
N SER A 341 7.84 6.80 -30.95
CA SER A 341 7.48 8.13 -31.52
C SER A 341 5.96 8.22 -31.71
N ILE A 342 5.41 9.44 -31.65
CA ILE A 342 3.95 9.73 -31.76
C ILE A 342 3.56 9.77 -33.25
N ASN A 343 4.54 9.90 -34.15
CA ASN A 343 4.34 9.99 -35.62
C ASN A 343 3.79 8.65 -36.16
N ASN A 344 4.10 7.53 -35.49
CA ASN A 344 3.72 6.16 -35.91
C ASN A 344 2.19 6.00 -35.79
N SER A 345 1.55 5.54 -36.86
CA SER A 345 0.08 5.34 -36.98
C SER A 345 -0.29 3.88 -36.70
N LYS A 346 0.56 2.93 -37.07
CA LYS A 346 0.29 1.47 -37.01
C LYS A 346 0.26 0.98 -35.55
N TYR A 347 0.90 1.72 -34.63
CA TYR A 347 0.98 1.39 -33.18
C TYR A 347 -0.44 1.16 -32.63
N ASP A 348 -0.78 -0.12 -32.39
CA ASP A 348 -2.10 -0.56 -31.84
C ASP A 348 -1.86 -1.30 -30.53
N PRO A 349 -2.30 -0.74 -29.37
CA PRO A 349 -2.20 -1.44 -28.09
C PRO A 349 -2.83 -2.85 -28.09
N LYS A 350 -3.97 -3.00 -28.76
CA LYS A 350 -4.77 -4.26 -28.83
C LYS A 350 -3.91 -5.40 -29.38
N THR A 351 -3.14 -5.12 -30.45
CA THR A 351 -2.28 -6.12 -31.16
C THR A 351 -1.11 -6.52 -30.25
N ILE A 352 -0.54 -5.56 -29.52
CA ILE A 352 0.63 -5.77 -28.61
C ILE A 352 0.21 -6.68 -27.45
N ILE A 353 -0.95 -6.40 -26.83
CA ILE A 353 -1.52 -7.19 -25.70
C ILE A 353 -1.71 -8.64 -26.16
N ALA A 354 -2.40 -8.83 -27.29
CA ALA A 354 -2.71 -10.14 -27.91
C ALA A 354 -1.42 -10.95 -28.11
N ALA A 355 -0.35 -10.29 -28.60
CA ALA A 355 0.93 -10.91 -28.99
C ALA A 355 1.74 -11.34 -27.75
N LEU A 356 1.43 -10.79 -26.57
CA LEU A 356 2.19 -11.03 -25.32
C LEU A 356 1.41 -11.96 -24.37
N THR A 357 0.23 -12.42 -24.78
CA THR A 357 -0.75 -13.15 -23.93
C THR A 357 -0.56 -14.67 -24.07
N CYS A 358 0.00 -15.31 -23.04
CA CYS A 358 0.09 -16.78 -22.85
C CYS A 358 0.58 -17.47 -24.14
N LYS A 359 1.72 -17.04 -24.66
CA LYS A 359 2.35 -17.60 -25.90
C LYS A 359 3.22 -18.81 -25.52
N LYS A 360 4.03 -18.68 -24.47
CA LYS A 360 4.96 -19.74 -23.99
C LYS A 360 4.37 -20.41 -22.75
N PRO A 361 4.50 -21.75 -22.61
CA PRO A 361 4.03 -22.45 -21.40
C PRO A 361 4.60 -21.88 -20.09
N ASP A 362 5.91 -21.62 -20.05
CA ASP A 362 6.64 -21.12 -18.85
C ASP A 362 6.96 -19.63 -19.02
N GLN A 363 5.95 -18.82 -19.39
CA GLN A 363 6.07 -17.35 -19.57
C GLN A 363 6.18 -16.69 -18.19
N HIS A 364 7.23 -15.90 -17.97
CA HIS A 364 7.60 -15.30 -16.66
C HIS A 364 7.15 -13.83 -16.57
N PHE A 365 6.21 -13.42 -17.43
CA PHE A 365 5.52 -12.11 -17.36
C PHE A 365 4.08 -12.26 -17.86
N LYS A 366 3.23 -11.27 -17.58
CA LYS A 366 1.81 -11.23 -18.00
C LYS A 366 1.44 -9.80 -18.38
N PRO A 367 0.96 -9.55 -19.61
CA PRO A 367 0.58 -8.20 -20.04
C PRO A 367 -0.77 -7.76 -19.45
N TYR A 368 -0.90 -6.47 -19.15
CA TYR A 368 -2.12 -5.83 -18.61
C TYR A 368 -2.29 -4.43 -19.23
N MET A 369 -3.52 -4.11 -19.65
CA MET A 369 -4.00 -2.70 -19.78
C MET A 369 -4.19 -2.18 -18.36
N LYS A 370 -3.51 -1.09 -17.99
CA LYS A 370 -3.30 -0.65 -16.58
C LYS A 370 -4.62 -0.71 -15.79
N GLN A 371 -5.76 -0.40 -16.42
CA GLN A 371 -7.10 -0.44 -15.80
C GLN A 371 -7.45 -1.85 -15.32
N HIS A 372 -6.81 -2.88 -15.87
CA HIS A 372 -7.08 -4.32 -15.58
C HIS A 372 -6.09 -4.89 -14.56
N LEU A 373 -5.04 -4.13 -14.19
CA LEU A 373 -4.09 -4.50 -13.11
C LEU A 373 -4.88 -4.71 -11.81
N PRO A 374 -4.48 -5.66 -10.93
CA PRO A 374 -5.11 -5.82 -9.63
C PRO A 374 -5.25 -4.48 -8.90
N LYS A 375 -6.43 -4.21 -8.33
CA LYS A 375 -6.84 -2.91 -7.76
C LYS A 375 -6.02 -2.60 -6.50
N ARG A 376 -5.52 -3.63 -5.81
CA ARG A 376 -4.68 -3.51 -4.58
C ARG A 376 -3.36 -2.81 -4.89
N LEU A 377 -2.93 -2.80 -6.16
CA LEU A 377 -1.68 -2.13 -6.62
C LEU A 377 -1.90 -0.62 -6.72
N HIS A 378 -3.15 -0.17 -6.90
CA HIS A 378 -3.55 1.25 -7.05
C HIS A 378 -2.55 1.98 -7.97
N TYR A 379 -2.34 1.43 -9.17
CA TYR A 379 -1.30 1.89 -10.14
C TYR A 379 -1.92 1.98 -11.54
N ALA A 380 -2.66 3.05 -11.81
CA ALA A 380 -3.39 3.30 -13.09
C ALA A 380 -3.65 4.79 -13.29
N ASN A 381 -4.24 5.46 -12.29
CA ASN A 381 -4.72 6.88 -12.39
C ASN A 381 -3.53 7.84 -12.38
N ASN A 382 -2.82 7.93 -13.51
CA ASN A 382 -1.72 8.91 -13.74
C ASN A 382 -1.31 8.86 -15.22
N ARG A 383 -0.96 10.02 -15.79
CA ARG A 383 -0.62 10.18 -17.23
C ARG A 383 0.83 9.74 -17.49
N ARG A 384 1.60 9.49 -16.43
CA ARG A 384 3.02 9.02 -16.51
C ARG A 384 3.05 7.49 -16.50
N ILE A 385 1.97 6.83 -16.08
CA ILE A 385 1.79 5.35 -16.14
C ILE A 385 1.29 4.98 -17.54
N GLU A 386 2.08 4.20 -18.28
CA GLU A 386 1.76 3.76 -19.66
C GLU A 386 0.57 2.78 -19.61
N ASP A 387 -0.31 2.85 -20.62
CA ASP A 387 -1.54 2.03 -20.74
C ASP A 387 -1.18 0.54 -20.69
N ILE A 388 -0.13 0.14 -21.43
CA ILE A 388 0.39 -1.25 -21.48
C ILE A 388 1.38 -1.44 -20.33
N HIS A 389 1.15 -2.45 -19.48
CA HIS A 389 1.99 -2.79 -18.30
C HIS A 389 2.27 -4.30 -18.27
N LEU A 390 3.49 -4.69 -17.88
CA LEU A 390 3.91 -6.10 -17.70
C LEU A 390 4.23 -6.36 -16.22
N LEU A 391 3.44 -7.20 -15.56
CA LEU A 391 3.75 -7.74 -14.20
C LEU A 391 4.71 -8.93 -14.36
N VAL A 392 5.97 -8.73 -13.97
CA VAL A 392 7.07 -9.74 -14.11
C VAL A 392 7.07 -10.63 -12.87
N ASP A 393 7.16 -11.95 -13.07
CA ASP A 393 7.32 -12.96 -11.99
C ASP A 393 8.60 -12.65 -11.20
N ARG A 394 8.58 -12.85 -9.88
CA ARG A 394 9.76 -12.65 -8.99
C ARG A 394 10.91 -13.52 -9.51
N ARG A 395 12.15 -13.00 -9.39
CA ARG A 395 13.42 -13.67 -9.78
C ARG A 395 13.64 -13.58 -11.30
N TRP A 396 12.91 -12.71 -12.02
CA TRP A 396 12.96 -12.63 -13.50
C TRP A 396 12.97 -11.16 -13.97
N HIS A 397 13.33 -10.94 -15.23
CA HIS A 397 13.46 -9.63 -15.90
C HIS A 397 12.75 -9.65 -17.26
N VAL A 398 12.44 -8.46 -17.80
CA VAL A 398 11.88 -8.26 -19.17
C VAL A 398 12.64 -7.11 -19.84
N ALA A 399 13.24 -7.38 -21.01
CA ALA A 399 13.98 -6.41 -21.84
C ALA A 399 13.35 -6.37 -23.25
N ARG A 400 13.79 -5.41 -24.08
CA ARG A 400 13.25 -5.18 -25.45
C ARG A 400 13.92 -6.17 -26.40
N LYS A 401 15.25 -6.20 -26.44
CA LYS A 401 16.07 -7.07 -27.32
C LYS A 401 17.21 -7.70 -26.52
N PRO A 402 17.71 -8.89 -26.94
CA PRO A 402 18.86 -9.53 -26.27
C PRO A 402 20.11 -8.66 -26.08
N LEU A 403 20.38 -7.74 -27.01
CA LEU A 403 21.59 -6.87 -26.99
C LEU A 403 21.45 -5.77 -25.92
N ASP A 404 20.23 -5.54 -25.41
CA ASP A 404 19.97 -4.62 -24.27
C ASP A 404 20.53 -5.24 -22.98
N VAL A 405 20.46 -6.57 -22.86
CA VAL A 405 21.04 -7.34 -21.72
C VAL A 405 21.15 -8.82 -22.13
N SER A 410 24.42 -8.52 -20.98
CA SER A 410 25.49 -7.53 -20.72
C SER A 410 26.61 -8.18 -19.90
N GLY A 411 27.65 -8.68 -20.58
CA GLY A 411 28.79 -9.40 -19.97
C GLY A 411 28.37 -10.76 -19.44
N LYS A 412 29.04 -11.24 -18.39
CA LYS A 412 28.69 -12.50 -17.68
C LYS A 412 27.45 -12.22 -16.82
N CYS A 413 27.57 -11.32 -15.83
CA CYS A 413 26.47 -10.81 -14.97
C CYS A 413 27.02 -9.79 -13.98
N PHE A 414 26.46 -8.57 -13.99
CA PHE A 414 26.85 -7.44 -13.10
C PHE A 414 26.02 -7.46 -11.82
N PHE A 415 24.75 -7.87 -11.92
CA PHE A 415 23.75 -7.87 -10.82
C PHE A 415 23.35 -9.32 -10.49
N GLN A 416 23.22 -9.63 -9.20
CA GLN A 416 22.67 -10.92 -8.68
C GLN A 416 21.38 -10.68 -7.90
N GLY A 417 20.94 -9.41 -7.78
CA GLY A 417 19.72 -9.02 -7.06
C GLY A 417 19.05 -7.82 -7.70
N ASP A 418 17.73 -7.69 -7.51
CA ASP A 418 16.92 -6.53 -8.00
C ASP A 418 15.57 -6.50 -7.27
N HIS A 419 14.79 -5.44 -7.49
CA HIS A 419 13.48 -5.17 -6.85
C HIS A 419 12.59 -4.39 -7.82
N GLY A 420 11.31 -4.23 -7.48
CA GLY A 420 10.29 -3.55 -8.30
C GLY A 420 9.10 -4.46 -8.62
N PHE A 421 9.13 -5.71 -8.13
CA PHE A 421 8.08 -6.75 -8.36
C PHE A 421 6.81 -6.38 -7.58
N ASP A 422 5.75 -7.19 -7.76
CA ASP A 422 4.48 -7.13 -7.01
C ASP A 422 4.78 -6.94 -5.52
N ASN A 423 4.12 -5.97 -4.88
CA ASN A 423 4.44 -5.49 -3.51
C ASN A 423 4.00 -6.52 -2.45
N LYS A 424 3.32 -7.60 -2.85
CA LYS A 424 2.85 -8.67 -1.94
C LYS A 424 3.88 -9.81 -1.86
N VAL A 425 4.92 -9.77 -2.71
CA VAL A 425 5.99 -10.81 -2.76
C VAL A 425 6.84 -10.70 -1.49
N ASN A 426 7.16 -11.83 -0.86
CA ASN A 426 7.88 -11.95 0.44
C ASN A 426 9.23 -11.22 0.36
N SER A 427 9.95 -11.38 -0.76
CA SER A 427 11.31 -10.83 -0.99
C SER A 427 11.29 -9.30 -1.01
N MET A 428 10.16 -8.69 -1.39
CA MET A 428 9.99 -7.22 -1.52
C MET A 428 9.59 -6.59 -0.18
N GLN A 429 9.24 -7.41 0.83
CA GLN A 429 8.79 -6.92 2.17
C GLN A 429 9.98 -6.28 2.90
N THR A 430 9.75 -5.14 3.54
CA THR A 430 10.79 -4.29 4.18
C THR A 430 10.56 -4.27 5.70
N VAL A 431 11.27 -3.40 6.43
CA VAL A 431 11.27 -3.36 7.92
C VAL A 431 10.63 -2.06 8.40
N PHE A 432 10.05 -2.09 9.61
CA PHE A 432 9.68 -0.90 10.42
C PHE A 432 9.98 -1.19 11.89
N VAL A 433 10.71 -0.26 12.54
CA VAL A 433 10.93 -0.24 14.01
C VAL A 433 10.61 1.17 14.52
N GLY A 434 9.90 1.26 15.64
CA GLY A 434 9.54 2.52 16.32
C GLY A 434 10.02 2.52 17.75
N TYR A 435 11.15 3.20 18.02
CA TYR A 435 11.74 3.37 19.38
C TYR A 435 11.52 4.83 19.82
N GLY A 436 11.19 5.03 21.09
CA GLY A 436 11.01 6.36 21.70
C GLY A 436 9.85 6.40 22.69
N PRO A 437 9.64 7.55 23.37
CA PRO A 437 8.58 7.68 24.37
C PRO A 437 7.17 7.36 23.86
N THR A 438 6.79 7.93 22.71
CA THR A 438 5.43 7.88 22.12
C THR A 438 5.13 6.48 21.58
N PHE A 439 6.15 5.70 21.23
CA PHE A 439 6.02 4.28 20.79
C PHE A 439 5.92 3.38 22.03
N LYS A 440 5.38 2.17 21.85
CA LYS A 440 5.17 1.16 22.92
C LYS A 440 6.48 0.45 23.24
N TYR A 441 6.49 -0.37 24.29
CA TYR A 441 7.67 -1.07 24.87
C TYR A 441 7.52 -2.58 24.66
N ARG A 442 8.58 -3.22 24.15
CA ARG A 442 8.64 -4.68 23.82
C ARG A 442 7.29 -5.12 23.24
N THR A 443 6.90 -4.55 22.09
CA THR A 443 5.57 -4.74 21.45
C THR A 443 5.75 -5.15 19.98
N LYS A 444 5.32 -6.36 19.62
CA LYS A 444 5.19 -6.82 18.22
C LYS A 444 3.81 -6.39 17.71
N VAL A 445 3.74 -5.88 16.47
CA VAL A 445 2.48 -5.40 15.81
C VAL A 445 2.33 -6.11 14.47
N PRO A 446 1.09 -6.42 14.02
CA PRO A 446 0.88 -7.06 12.72
C PRO A 446 1.47 -6.25 11.56
N PRO A 447 1.86 -6.90 10.44
CA PRO A 447 2.33 -6.18 9.25
C PRO A 447 1.29 -5.16 8.74
N PHE A 448 1.77 -4.00 8.26
CA PHE A 448 0.95 -2.89 7.72
C PHE A 448 1.65 -2.29 6.50
N GLU A 449 0.92 -1.46 5.75
CA GLU A 449 1.39 -0.81 4.49
C GLU A 449 2.05 0.53 4.84
N ASN A 450 3.10 0.92 4.10
CA ASN A 450 3.93 2.12 4.37
C ASN A 450 3.11 3.40 4.10
N ILE A 451 2.02 3.29 3.34
CA ILE A 451 1.07 4.41 3.03
C ILE A 451 0.46 4.93 4.34
N GLU A 452 0.44 4.13 5.40
CA GLU A 452 -0.21 4.42 6.71
C GLU A 452 0.71 5.29 7.57
N LEU A 453 2.01 5.34 7.28
CA LEU A 453 3.08 5.82 8.20
C LEU A 453 3.04 7.35 8.32
N TYR A 454 2.67 8.07 7.24
CA TYR A 454 2.57 9.55 7.18
C TYR A 454 1.65 10.06 8.31
N ASN A 455 0.49 9.40 8.49
CA ASN A 455 -0.50 9.70 9.56
C ASN A 455 0.16 9.56 10.94
N VAL A 456 0.95 8.50 11.13
CA VAL A 456 1.60 8.15 12.43
C VAL A 456 2.67 9.21 12.75
N MET A 457 3.51 9.57 11.77
CA MET A 457 4.60 10.56 11.92
C MET A 457 4.01 11.94 12.23
N CYS A 458 2.86 12.27 11.63
CA CYS A 458 2.09 13.51 11.91
C CYS A 458 1.61 13.51 13.36
N ASP A 459 1.14 12.35 13.86
CA ASP A 459 0.66 12.16 15.26
C ASP A 459 1.83 12.38 16.23
N LEU A 460 3.02 11.87 15.90
CA LEU A 460 4.26 11.99 16.72
C LEU A 460 4.65 13.48 16.85
N LEU A 461 4.40 14.27 15.81
CA LEU A 461 4.78 15.72 15.73
C LEU A 461 3.58 16.61 16.07
N GLY A 462 2.41 16.02 16.32
CA GLY A 462 1.16 16.75 16.64
C GLY A 462 0.69 17.60 15.46
N LEU A 463 0.81 17.06 14.23
CA LEU A 463 0.44 17.75 12.97
C LEU A 463 -0.91 17.23 12.48
N LYS A 464 -1.68 18.10 11.80
CA LYS A 464 -2.92 17.75 11.07
C LYS A 464 -2.53 17.18 9.72
N PRO A 465 -2.67 15.84 9.49
CA PRO A 465 -2.22 15.23 8.24
C PRO A 465 -3.00 15.79 7.03
N ALA A 466 -2.31 15.95 5.90
CA ALA A 466 -2.92 16.27 4.59
C ALA A 466 -3.76 15.07 4.14
N PRO A 467 -4.89 15.28 3.42
CA PRO A 467 -5.70 14.17 2.92
C PRO A 467 -4.82 13.17 2.16
N ASN A 468 -4.70 11.94 2.69
CA ASN A 468 -3.81 10.88 2.15
C ASN A 468 -4.57 9.55 2.09
N ASN A 469 -3.90 8.46 1.70
CA ASN A 469 -4.50 7.12 1.45
C ASN A 469 -4.33 6.23 2.69
N GLY A 470 -3.68 6.73 3.74
CA GLY A 470 -3.65 6.08 5.06
C GLY A 470 -5.01 6.13 5.72
N THR A 471 -5.39 5.06 6.44
CA THR A 471 -6.61 5.00 7.28
C THR A 471 -6.24 5.51 8.68
N HIS A 472 -6.57 6.78 8.96
CA HIS A 472 -6.20 7.50 10.22
C HIS A 472 -6.84 6.79 11.42
N GLY A 473 -6.02 6.19 12.29
CA GLY A 473 -6.47 5.43 13.47
C GLY A 473 -6.09 3.96 13.38
N SER A 474 -5.77 3.47 12.19
CA SER A 474 -5.44 2.04 11.90
C SER A 474 -4.12 1.63 12.57
N LEU A 475 -3.23 2.58 12.85
CA LEU A 475 -1.93 2.35 13.54
C LEU A 475 -1.91 3.09 14.88
N ASN A 476 -3.05 3.13 15.60
CA ASN A 476 -3.14 3.69 16.98
C ASN A 476 -2.52 2.70 17.97
N HIS A 477 -2.48 1.41 17.63
CA HIS A 477 -1.94 0.31 18.46
C HIS A 477 -0.40 0.30 18.43
N LEU A 478 0.22 1.17 17.62
CA LEU A 478 1.70 1.39 17.60
C LEU A 478 2.12 2.28 18.78
N LEU A 479 1.26 3.22 19.19
CA LEU A 479 1.62 4.38 20.04
C LEU A 479 1.19 4.13 21.50
N ARG A 480 2.01 4.62 22.44
CA ARG A 480 1.73 4.67 23.90
C ARG A 480 0.62 5.70 24.17
N THR A 481 0.67 6.84 23.49
CA THR A 481 -0.31 7.95 23.58
C THR A 481 -0.77 8.35 22.17
N ASN A 482 -2.08 8.53 21.98
CA ASN A 482 -2.72 8.87 20.68
C ASN A 482 -3.24 10.31 20.75
N THR A 483 -2.85 11.14 19.77
CA THR A 483 -3.30 12.55 19.63
C THR A 483 -4.55 12.61 18.74
N PHE A 484 -4.85 11.54 18.01
CA PHE A 484 -6.03 11.41 17.11
C PHE A 484 -6.83 10.15 17.48
N ARG A 485 -8.13 10.32 17.78
CA ARG A 485 -9.11 9.22 17.97
C ARG A 485 -10.10 9.24 16.81
N PRO A 486 -10.22 8.13 16.05
CA PRO A 486 -11.07 8.10 14.85
C PRO A 486 -12.57 7.98 15.20
N THR A 487 -13.43 8.52 14.33
CA THR A 487 -14.91 8.48 14.44
C THR A 487 -15.50 7.92 13.15
N MET A 488 -16.53 7.07 13.25
CA MET A 488 -17.29 6.52 12.10
C MET A 488 -17.93 7.68 11.34
N PRO A 489 -17.88 7.69 9.98
CA PRO A 489 -18.50 8.75 9.20
C PRO A 489 -20.03 8.66 9.23
N ASP A 490 -20.71 9.81 9.20
CA ASP A 490 -22.19 9.92 9.23
C ASP A 490 -22.75 9.33 7.93
N GLU A 491 -23.84 8.55 8.01
CA GLU A 491 -24.58 7.99 6.85
C GLU A 491 -25.31 9.16 6.16
N VAL A 492 -25.12 9.30 4.84
CA VAL A 492 -25.70 10.40 4.01
C VAL A 492 -27.09 9.98 3.54
N SER A 493 -27.23 8.73 3.05
CA SER A 493 -28.48 8.14 2.53
C SER A 493 -29.07 7.17 3.55
N ARG A 494 -30.21 7.53 4.16
CA ARG A 494 -31.00 6.66 5.06
C ARG A 494 -31.72 5.62 4.22
N PRO A 495 -31.77 4.34 4.66
CA PRO A 495 -32.38 3.26 3.86
C PRO A 495 -33.91 3.29 3.84
N ASN A 496 -34.51 2.70 2.80
CA ASN A 496 -35.97 2.46 2.67
C ASN A 496 -36.24 0.97 2.90
N TYR A 497 -37.40 0.65 3.48
CA TYR A 497 -37.86 -0.74 3.76
C TYR A 497 -39.23 -0.96 3.11
N PRO A 498 -39.29 -1.06 1.77
CA PRO A 498 -40.56 -1.11 1.06
C PRO A 498 -41.28 -2.46 1.20
N GLY A 499 -42.58 -2.42 1.53
CA GLY A 499 -43.46 -3.61 1.60
C GLY A 499 -44.01 -3.96 0.23
N ILE A 500 -44.99 -4.89 0.19
CA ILE A 500 -45.68 -5.33 -1.06
C ILE A 500 -46.47 -4.14 -1.62
N MET A 501 -46.23 -3.78 -2.88
CA MET A 501 -46.89 -2.64 -3.58
C MET A 501 -47.42 -3.09 -4.95
N TYR A 502 -46.51 -3.50 -5.84
CA TYR A 502 -46.78 -3.79 -7.27
C TYR A 502 -47.00 -5.30 -7.45
N LEU A 503 -48.04 -5.67 -8.19
CA LEU A 503 -48.47 -7.10 -8.40
C LEU A 503 -47.74 -7.68 -9.62
N GLN A 504 -47.57 -9.01 -9.63
CA GLN A 504 -46.90 -9.80 -10.70
C GLN A 504 -47.45 -9.41 -12.08
N SER A 505 -48.74 -9.07 -12.16
CA SER A 505 -49.45 -8.67 -13.40
C SER A 505 -48.85 -7.41 -14.02
N GLU A 506 -48.43 -6.44 -13.17
CA GLU A 506 -47.95 -5.11 -13.59
C GLU A 506 -46.55 -5.20 -14.22
N PHE A 507 -45.73 -6.17 -13.80
CA PHE A 507 -44.33 -6.36 -14.26
C PHE A 507 -44.33 -6.95 -15.67
N ASP A 508 -43.98 -6.13 -16.67
CA ASP A 508 -43.75 -6.54 -18.08
C ASP A 508 -42.26 -6.33 -18.40
N LEU A 509 -41.41 -7.23 -17.90
CA LEU A 509 -39.93 -7.15 -17.98
C LEU A 509 -39.41 -8.07 -19.09
N GLY A 510 -40.31 -8.79 -19.78
CA GLY A 510 -39.98 -9.78 -20.83
C GLY A 510 -39.18 -10.94 -20.24
N CYS A 511 -39.68 -11.52 -19.14
CA CYS A 511 -39.00 -12.56 -18.33
C CYS A 511 -39.88 -13.82 -18.23
N THR A 512 -39.36 -14.86 -17.57
CA THR A 512 -40.02 -16.19 -17.40
C THR A 512 -39.24 -17.02 -16.39
N CYS A 513 -39.94 -17.83 -15.57
CA CYS A 513 -39.34 -18.72 -14.54
C CYS A 513 -39.68 -20.20 -14.84
N ASP A 514 -40.96 -20.52 -14.97
CA ASP A 514 -41.51 -21.90 -14.96
C ASP A 514 -41.39 -22.46 -13.54
N ASP A 515 -42.43 -22.27 -12.73
CA ASP A 515 -42.49 -22.65 -11.29
C ASP A 515 -43.73 -23.51 -11.05
N ARG A 529 -44.02 -15.88 6.37
CA ARG A 529 -44.06 -14.96 5.20
C ARG A 529 -42.96 -15.34 4.21
N LEU A 530 -42.94 -14.69 3.04
CA LEU A 530 -41.98 -14.96 1.93
C LEU A 530 -40.77 -14.03 2.08
N HIS A 531 -41.02 -12.73 2.32
CA HIS A 531 -39.99 -11.67 2.50
C HIS A 531 -40.25 -10.90 3.80
N THR A 532 -39.60 -11.32 4.89
CA THR A 532 -39.74 -10.72 6.25
C THR A 532 -38.40 -10.75 6.98
N LYS A 533 -38.33 -10.09 8.14
CA LYS A 533 -37.15 -10.05 9.04
C LYS A 533 -37.46 -10.87 10.31
N GLY A 534 -36.42 -11.44 10.93
CA GLY A 534 -36.51 -12.23 12.16
C GLY A 534 -35.12 -12.68 12.63
N SER A 535 -34.54 -13.66 11.91
CA SER A 535 -33.13 -14.08 12.04
C SER A 535 -32.29 -13.45 10.91
N THR A 536 -32.95 -12.75 9.97
CA THR A 536 -32.34 -12.16 8.75
C THR A 536 -31.22 -11.19 9.12
N LYS A 537 -31.37 -10.41 10.20
CA LYS A 537 -30.38 -9.41 10.66
C LYS A 537 -29.34 -10.09 11.58
N GLU A 538 -29.81 -10.82 12.60
CA GLU A 538 -28.95 -11.41 13.67
C GLU A 538 -27.99 -12.43 13.07
N ARG A 539 -28.37 -13.10 11.97
CA ARG A 539 -27.58 -14.19 11.33
C ARG A 539 -26.80 -13.63 10.13
N HIS A 540 -27.45 -12.86 9.26
CA HIS A 540 -26.90 -12.44 7.93
C HIS A 540 -26.38 -11.00 7.96
N LEU A 541 -26.39 -10.35 9.13
CA LEU A 541 -25.66 -9.08 9.41
C LEU A 541 -25.01 -9.18 10.80
N LEU A 542 -23.92 -9.94 10.90
CA LEU A 542 -23.18 -10.19 12.17
C LEU A 542 -22.51 -8.89 12.64
N TYR A 543 -22.16 -8.00 11.71
CA TYR A 543 -21.35 -6.78 11.95
C TYR A 543 -22.12 -5.52 11.50
N GLY A 544 -23.46 -5.60 11.46
CA GLY A 544 -24.36 -4.46 11.22
C GLY A 544 -24.53 -4.14 9.74
N ARG A 545 -25.49 -3.27 9.43
CA ARG A 545 -25.82 -2.80 8.06
C ARG A 545 -24.74 -1.84 7.58
N PRO A 546 -24.09 -2.10 6.41
CA PRO A 546 -23.20 -1.13 5.79
C PRO A 546 -23.89 0.21 5.52
N ALA A 547 -23.29 1.33 5.94
CA ALA A 547 -23.80 2.70 5.78
C ALA A 547 -23.37 3.27 4.42
N VAL A 548 -24.29 3.93 3.72
CA VAL A 548 -24.07 4.56 2.39
C VAL A 548 -23.63 6.02 2.61
N LEU A 549 -22.40 6.36 2.21
CA LEU A 549 -21.76 7.67 2.47
C LEU A 549 -21.84 8.56 1.21
N TYR A 550 -22.99 8.59 0.55
CA TYR A 550 -23.29 9.47 -0.62
C TYR A 550 -24.80 9.48 -0.89
N ARG A 551 -25.30 10.56 -1.48
CA ARG A 551 -26.74 10.76 -1.80
C ARG A 551 -27.14 9.80 -2.94
N THR A 552 -28.00 8.83 -2.64
CA THR A 552 -28.62 7.89 -3.61
C THR A 552 -29.85 7.22 -2.97
N SER A 553 -30.84 6.84 -3.79
CA SER A 553 -32.06 6.11 -3.37
C SER A 553 -31.81 4.60 -3.47
N TYR A 554 -31.86 3.89 -2.34
CA TYR A 554 -31.71 2.41 -2.26
C TYR A 554 -32.70 1.84 -1.25
N ASP A 555 -32.99 0.53 -1.36
CA ASP A 555 -33.99 -0.20 -0.53
C ASP A 555 -33.30 -1.37 0.19
N ILE A 556 -33.69 -1.63 1.43
CA ILE A 556 -33.27 -2.83 2.23
C ILE A 556 -34.27 -3.96 1.96
N LEU A 557 -33.82 -5.06 1.35
CA LEU A 557 -34.65 -6.25 1.03
C LEU A 557 -34.22 -7.40 1.95
N TYR A 558 -35.17 -7.94 2.72
CA TYR A 558 -34.97 -9.09 3.64
C TYR A 558 -35.42 -10.39 2.96
N HIS A 559 -34.61 -11.45 3.10
CA HIS A 559 -34.93 -12.85 2.71
C HIS A 559 -34.54 -13.78 3.85
N THR A 560 -34.89 -15.07 3.76
CA THR A 560 -34.61 -16.10 4.79
C THR A 560 -33.12 -16.51 4.74
N ASP A 561 -32.46 -16.31 3.60
CA ASP A 561 -31.06 -16.77 3.34
C ASP A 561 -30.09 -15.58 3.32
N PHE A 562 -30.49 -14.43 2.76
CA PHE A 562 -29.61 -13.26 2.53
C PHE A 562 -30.39 -11.95 2.73
N GLU A 563 -29.65 -10.86 2.95
CA GLU A 563 -30.14 -9.45 3.03
C GLU A 563 -29.29 -8.59 2.09
N SER A 564 -29.94 -7.66 1.36
CA SER A 564 -29.31 -6.82 0.31
C SER A 564 -29.76 -5.36 0.43
N GLY A 565 -28.94 -4.43 -0.07
CA GLY A 565 -29.25 -3.01 -0.24
C GLY A 565 -29.40 -2.64 -1.71
N TYR A 566 -30.61 -2.81 -2.26
CA TYR A 566 -30.91 -2.64 -3.70
C TYR A 566 -30.97 -1.16 -4.07
N SER A 567 -30.14 -0.73 -5.02
CA SER A 567 -30.11 0.64 -5.59
C SER A 567 -31.17 0.77 -6.70
N GLU A 568 -31.92 1.88 -6.70
CA GLU A 568 -32.96 2.21 -7.71
C GLU A 568 -32.30 2.91 -8.91
N ILE A 569 -31.13 3.54 -8.69
CA ILE A 569 -30.36 4.29 -9.74
C ILE A 569 -29.59 3.28 -10.59
N PHE A 570 -28.85 2.37 -9.95
CA PHE A 570 -28.01 1.34 -10.59
C PHE A 570 -28.84 0.08 -10.91
N LEU A 571 -30.04 -0.02 -10.34
CA LEU A 571 -31.04 -1.10 -10.60
C LEU A 571 -30.46 -2.46 -10.19
N MET A 572 -29.63 -2.49 -9.15
CA MET A 572 -29.04 -3.74 -8.58
C MET A 572 -28.55 -3.47 -7.16
N PRO A 573 -28.34 -4.52 -6.33
CA PRO A 573 -27.78 -4.33 -4.98
C PRO A 573 -26.40 -3.66 -4.97
N LEU A 574 -26.20 -2.70 -4.06
CA LEU A 574 -24.86 -2.12 -3.73
C LEU A 574 -24.07 -3.13 -2.91
N TRP A 575 -24.77 -3.87 -2.03
CA TRP A 575 -24.20 -4.96 -1.19
C TRP A 575 -25.25 -6.07 -1.02
N THR A 576 -24.78 -7.30 -0.79
CA THR A 576 -25.61 -8.51 -0.52
C THR A 576 -24.92 -9.35 0.56
N SER A 577 -25.46 -9.34 1.78
CA SER A 577 -24.90 -10.00 2.98
C SER A 577 -25.62 -11.34 3.23
N TYR A 578 -24.85 -12.40 3.54
CA TYR A 578 -25.36 -13.76 3.86
C TYR A 578 -24.28 -14.55 4.60
N THR A 579 -24.69 -15.56 5.37
CA THR A 579 -23.85 -16.34 6.31
C THR A 579 -24.03 -17.84 6.04
N ILE A 580 -22.92 -18.58 5.94
CA ILE A 580 -22.87 -20.05 5.71
C ILE A 580 -22.13 -20.69 6.89
N SER A 581 -22.76 -21.67 7.56
CA SER A 581 -22.19 -22.42 8.71
C SER A 581 -21.28 -23.55 8.19
N LYS A 582 -20.51 -24.16 9.09
CA LYS A 582 -19.56 -25.27 8.80
C LYS A 582 -20.35 -26.51 8.34
N GLN A 583 -21.57 -26.69 8.85
CA GLN A 583 -22.45 -27.86 8.58
C GLN A 583 -23.56 -27.47 7.59
N ALA A 584 -23.34 -26.42 6.78
CA ALA A 584 -24.30 -25.90 5.78
C ALA A 584 -24.31 -26.81 4.55
N GLU A 585 -25.47 -26.93 3.89
CA GLU A 585 -25.70 -27.82 2.72
C GLU A 585 -25.36 -27.08 1.43
N VAL A 586 -24.86 -27.81 0.42
CA VAL A 586 -24.59 -27.31 -0.97
C VAL A 586 -25.39 -28.15 -1.95
N SER A 587 -26.42 -27.57 -2.56
CA SER A 587 -27.31 -28.20 -3.57
C SER A 587 -27.00 -27.63 -4.96
N SER A 588 -27.58 -28.23 -6.00
CA SER A 588 -27.46 -27.81 -7.43
C SER A 588 -28.65 -26.93 -7.81
N ILE A 589 -28.48 -26.07 -8.80
CA ILE A 589 -29.58 -25.27 -9.43
C ILE A 589 -30.47 -26.24 -10.21
N PRO A 590 -31.75 -26.43 -9.82
CA PRO A 590 -32.66 -27.32 -10.55
C PRO A 590 -32.79 -26.94 -12.03
N GLU A 591 -32.85 -27.94 -12.91
CA GLU A 591 -32.88 -27.78 -14.39
C GLU A 591 -34.10 -26.92 -14.80
N HIS A 592 -35.22 -27.08 -14.09
CA HIS A 592 -36.50 -26.36 -14.37
C HIS A 592 -36.47 -24.94 -13.80
N LEU A 593 -35.38 -24.55 -13.12
CA LEU A 593 -35.15 -23.17 -12.60
C LEU A 593 -33.83 -22.61 -13.14
N THR A 594 -33.37 -23.09 -14.30
CA THR A 594 -32.10 -22.68 -14.96
C THR A 594 -32.19 -21.22 -15.38
N ASN A 595 -33.26 -20.86 -16.13
CA ASN A 595 -33.49 -19.51 -16.68
C ASN A 595 -34.53 -18.75 -15.85
N CYS A 596 -34.80 -19.21 -14.62
CA CYS A 596 -35.82 -18.61 -13.72
C CYS A 596 -35.31 -17.29 -13.15
N VAL A 597 -36.06 -16.20 -13.40
CA VAL A 597 -35.79 -14.83 -12.89
C VAL A 597 -37.15 -14.18 -12.60
N ARG A 598 -37.50 -14.08 -11.31
CA ARG A 598 -38.86 -13.66 -10.84
C ARG A 598 -38.83 -12.18 -10.45
N PRO A 599 -39.93 -11.43 -10.69
CA PRO A 599 -39.99 -10.01 -10.34
C PRO A 599 -40.23 -9.79 -8.84
N ASP A 600 -39.60 -8.75 -8.28
CA ASP A 600 -39.74 -8.36 -6.84
C ASP A 600 -40.93 -7.41 -6.70
N VAL A 601 -41.96 -7.83 -5.97
CA VAL A 601 -43.24 -7.07 -5.76
C VAL A 601 -42.97 -5.80 -4.94
N ARG A 602 -41.88 -5.78 -4.16
CA ARG A 602 -41.52 -4.66 -3.24
C ARG A 602 -40.95 -3.48 -4.05
N VAL A 603 -40.36 -3.74 -5.21
CA VAL A 603 -39.72 -2.71 -6.10
C VAL A 603 -40.60 -2.52 -7.33
N SER A 604 -40.60 -1.31 -7.90
CA SER A 604 -41.41 -0.91 -9.08
C SER A 604 -40.82 -1.53 -10.35
N PRO A 605 -41.64 -1.76 -11.41
CA PRO A 605 -41.12 -2.17 -12.72
C PRO A 605 -40.09 -1.18 -13.28
N GLY A 606 -40.33 0.12 -13.08
CA GLY A 606 -39.47 1.23 -13.56
C GLY A 606 -38.06 1.13 -13.02
N PHE A 607 -37.91 0.90 -11.71
CA PHE A 607 -36.62 0.77 -10.99
C PHE A 607 -36.24 -0.72 -10.87
N SER A 608 -36.24 -1.43 -12.00
CA SER A 608 -35.92 -2.89 -12.09
C SER A 608 -35.27 -3.20 -13.44
N GLN A 609 -34.38 -4.19 -13.48
CA GLN A 609 -33.76 -4.73 -14.72
C GLN A 609 -34.83 -5.47 -15.52
N ASN A 610 -34.73 -5.44 -16.85
CA ASN A 610 -35.61 -6.21 -17.78
C ASN A 610 -34.78 -7.35 -18.38
N CYS A 611 -35.35 -8.57 -18.37
CA CYS A 611 -34.70 -9.83 -18.84
C CYS A 611 -34.60 -9.82 -20.38
N LEU A 612 -35.38 -8.97 -21.04
CA LEU A 612 -35.34 -8.73 -22.51
C LEU A 612 -33.96 -8.19 -22.92
N ALA A 613 -33.41 -7.26 -22.13
CA ALA A 613 -32.10 -6.58 -22.38
C ALA A 613 -30.98 -7.62 -22.52
N TYR A 614 -31.00 -8.66 -21.68
CA TYR A 614 -29.96 -9.73 -21.62
C TYR A 614 -30.04 -10.63 -22.86
N LYS A 615 -31.22 -10.76 -23.49
CA LYS A 615 -31.44 -11.57 -24.71
C LYS A 615 -30.94 -10.80 -25.94
N ASN A 616 -31.24 -9.49 -26.00
CA ASN A 616 -30.76 -8.57 -27.06
C ASN A 616 -29.24 -8.50 -27.04
N ASP A 617 -28.65 -8.33 -25.86
CA ASP A 617 -27.18 -8.28 -25.64
C ASP A 617 -26.63 -9.71 -25.74
N LYS A 618 -26.00 -10.04 -26.87
CA LYS A 618 -25.47 -11.40 -27.18
C LYS A 618 -24.20 -11.68 -26.37
N GLN A 619 -23.49 -10.61 -25.95
CA GLN A 619 -22.20 -10.69 -25.22
C GLN A 619 -22.45 -10.83 -23.71
N MET A 620 -23.53 -10.23 -23.20
CA MET A 620 -23.82 -10.10 -21.74
C MET A 620 -24.91 -11.10 -21.31
N SER A 621 -24.55 -12.01 -20.39
CA SER A 621 -25.48 -12.89 -19.65
C SER A 621 -25.75 -12.26 -18.27
N TYR A 622 -26.10 -13.06 -17.26
CA TYR A 622 -26.36 -12.59 -15.87
C TYR A 622 -26.00 -13.68 -14.85
N GLY A 623 -25.86 -13.27 -13.59
CA GLY A 623 -25.66 -14.15 -12.42
C GLY A 623 -26.24 -13.51 -11.17
N PHE A 624 -26.25 -14.26 -10.05
CA PHE A 624 -26.90 -13.85 -8.77
C PHE A 624 -25.81 -13.62 -7.71
N LEU A 625 -25.92 -12.51 -6.96
CA LEU A 625 -24.96 -12.12 -5.89
C LEU A 625 -25.02 -13.14 -4.76
N PHE A 626 -26.21 -13.44 -4.23
CA PHE A 626 -26.46 -14.59 -3.33
C PHE A 626 -26.57 -15.86 -4.19
N PRO A 627 -25.80 -16.93 -3.87
CA PRO A 627 -25.86 -18.17 -4.65
C PRO A 627 -27.10 -19.01 -4.35
N PRO A 628 -27.88 -19.42 -5.38
CA PRO A 628 -28.93 -20.42 -5.20
C PRO A 628 -28.39 -21.77 -4.71
N TYR A 629 -27.12 -22.06 -4.99
CA TYR A 629 -26.41 -23.32 -4.64
C TYR A 629 -26.49 -23.58 -3.14
N LEU A 630 -26.34 -22.53 -2.32
CA LEU A 630 -26.27 -22.61 -0.83
C LEU A 630 -27.56 -22.04 -0.23
N SER A 631 -28.72 -22.41 -0.78
CA SER A 631 -30.06 -22.06 -0.25
C SER A 631 -30.41 -23.01 0.90
N SER A 632 -30.99 -22.49 1.98
CA SER A 632 -31.28 -23.22 3.26
C SER A 632 -32.25 -24.37 2.99
N SER A 633 -33.31 -24.12 2.21
CA SER A 633 -34.36 -25.12 1.82
C SER A 633 -34.73 -24.94 0.35
N PRO A 634 -35.35 -25.95 -0.29
CA PRO A 634 -35.82 -25.81 -1.67
C PRO A 634 -36.76 -24.62 -1.90
N GLU A 635 -37.59 -24.29 -0.90
CA GLU A 635 -38.54 -23.15 -0.93
C GLU A 635 -37.75 -21.82 -0.93
N ALA A 636 -36.64 -21.77 -0.18
CA ALA A 636 -35.79 -20.56 0.01
C ALA A 636 -34.99 -20.26 -1.27
N LYS A 637 -34.72 -21.29 -2.09
CA LYS A 637 -33.92 -21.17 -3.34
C LYS A 637 -34.61 -20.21 -4.33
N TYR A 638 -35.95 -20.10 -4.25
CA TYR A 638 -36.79 -19.23 -5.12
C TYR A 638 -36.50 -17.75 -4.84
N ASP A 639 -36.01 -17.42 -3.63
CA ASP A 639 -35.62 -16.05 -3.23
C ASP A 639 -34.31 -15.65 -3.94
N ALA A 640 -33.49 -16.63 -4.31
CA ALA A 640 -32.19 -16.44 -5.01
C ALA A 640 -32.42 -16.00 -6.45
N PHE A 641 -33.60 -16.29 -7.02
CA PHE A 641 -33.95 -16.02 -8.45
C PHE A 641 -34.74 -14.71 -8.57
N LEU A 642 -34.70 -13.84 -7.56
CA LEU A 642 -35.33 -12.49 -7.60
C LEU A 642 -34.60 -11.60 -8.61
N VAL A 643 -35.33 -10.70 -9.28
CA VAL A 643 -34.80 -9.72 -10.27
C VAL A 643 -33.92 -8.68 -9.56
N THR A 644 -34.11 -8.52 -8.24
CA THR A 644 -33.34 -7.57 -7.37
C THR A 644 -32.09 -8.25 -6.81
N ASN A 645 -31.81 -9.50 -7.21
CA ASN A 645 -30.62 -10.29 -6.76
C ASN A 645 -29.78 -10.72 -7.96
N MET A 646 -30.06 -10.17 -9.16
CA MET A 646 -29.32 -10.49 -10.42
C MET A 646 -28.47 -9.28 -10.83
N VAL A 647 -27.32 -9.53 -11.47
CA VAL A 647 -26.34 -8.51 -11.90
C VAL A 647 -25.78 -8.89 -13.28
N PRO A 648 -25.49 -7.92 -14.17
CA PRO A 648 -24.96 -8.22 -15.50
C PRO A 648 -23.57 -8.89 -15.43
N MET A 649 -23.40 -10.04 -16.09
CA MET A 649 -22.16 -10.85 -16.04
C MET A 649 -21.88 -11.50 -17.40
N TYR A 650 -20.63 -11.44 -17.85
CA TYR A 650 -20.13 -12.10 -19.10
C TYR A 650 -20.08 -13.61 -18.87
N PRO A 651 -20.36 -14.43 -19.90
CA PRO A 651 -20.19 -15.88 -19.77
C PRO A 651 -18.81 -16.29 -19.25
N ALA A 652 -17.75 -15.61 -19.72
CA ALA A 652 -16.34 -15.81 -19.31
C ALA A 652 -16.20 -15.64 -17.79
N PHE A 653 -16.87 -14.64 -17.22
CA PHE A 653 -16.81 -14.30 -15.78
C PHE A 653 -17.70 -15.26 -14.96
N LYS A 654 -18.83 -15.69 -15.53
CA LYS A 654 -19.78 -16.63 -14.87
C LYS A 654 -19.05 -17.92 -14.46
N ARG A 655 -18.05 -18.35 -15.25
CA ARG A 655 -17.19 -19.52 -14.95
C ARG A 655 -16.43 -19.29 -13.63
N VAL A 656 -15.93 -18.08 -13.41
CA VAL A 656 -15.17 -17.68 -12.19
C VAL A 656 -16.14 -17.58 -11.00
N TRP A 657 -17.25 -16.86 -11.19
CA TRP A 657 -18.24 -16.52 -10.13
C TRP A 657 -19.00 -17.77 -9.69
N ALA A 658 -19.40 -18.63 -10.63
CA ALA A 658 -20.14 -19.89 -10.38
C ALA A 658 -19.31 -20.80 -9.48
N TYR A 659 -18.03 -20.98 -9.80
CA TYR A 659 -17.08 -21.86 -9.06
C TYR A 659 -16.94 -21.36 -7.62
N PHE A 660 -16.60 -20.07 -7.46
CA PHE A 660 -16.49 -19.36 -6.15
C PHE A 660 -17.70 -19.72 -5.28
N GLN A 661 -18.90 -19.44 -5.79
CA GLN A 661 -20.20 -19.61 -5.07
C GLN A 661 -20.46 -21.11 -4.83
N ARG A 662 -20.31 -21.95 -5.85
CA ARG A 662 -20.67 -23.39 -5.83
C ARG A 662 -19.69 -24.17 -4.93
N VAL A 663 -18.39 -23.84 -4.99
CA VAL A 663 -17.30 -24.66 -4.37
C VAL A 663 -16.67 -23.90 -3.19
N LEU A 664 -16.05 -22.74 -3.46
CA LEU A 664 -15.09 -22.06 -2.54
C LEU A 664 -15.81 -21.47 -1.31
N VAL A 665 -17.01 -20.90 -1.49
CA VAL A 665 -17.80 -20.27 -0.38
C VAL A 665 -18.08 -21.32 0.69
N LYS A 666 -18.34 -22.58 0.28
CA LYS A 666 -18.53 -23.74 1.20
C LYS A 666 -17.16 -24.17 1.75
N LYS A 667 -16.13 -24.19 0.90
CA LYS A 667 -14.75 -24.60 1.25
C LYS A 667 -14.23 -23.74 2.40
N TYR A 668 -14.48 -22.43 2.36
CA TYR A 668 -14.06 -21.45 3.40
C TYR A 668 -14.83 -21.73 4.69
N ALA A 669 -16.15 -21.90 4.59
CA ALA A 669 -17.08 -22.19 5.72
C ALA A 669 -16.64 -23.46 6.45
N SER A 670 -16.13 -24.46 5.71
CA SER A 670 -15.65 -25.76 6.24
C SER A 670 -14.40 -25.55 7.11
N GLU A 671 -13.44 -24.75 6.61
CA GLU A 671 -12.09 -24.55 7.22
C GLU A 671 -12.15 -23.46 8.30
N ARG A 672 -12.89 -22.37 8.06
CA ARG A 672 -12.96 -21.18 8.94
C ARG A 672 -14.17 -21.27 9.89
N ASN A 673 -14.75 -22.46 10.05
CA ASN A 673 -15.89 -22.75 10.96
C ASN A 673 -17.01 -21.73 10.69
N GLY A 674 -17.47 -21.65 9.44
CA GLY A 674 -18.53 -20.72 8.99
C GLY A 674 -17.95 -19.37 8.61
N VAL A 675 -18.60 -18.69 7.65
CA VAL A 675 -18.14 -17.37 7.10
C VAL A 675 -19.37 -16.50 6.77
N ASN A 676 -19.24 -15.19 6.96
CA ASN A 676 -20.21 -14.15 6.51
C ASN A 676 -19.66 -13.52 5.23
N VAL A 677 -20.47 -13.51 4.16
CA VAL A 677 -20.07 -13.04 2.80
C VAL A 677 -20.89 -11.80 2.45
N ILE A 678 -20.23 -10.66 2.22
CA ILE A 678 -20.84 -9.41 1.69
C ILE A 678 -20.32 -9.20 0.27
N SER A 679 -21.13 -9.57 -0.74
CA SER A 679 -20.81 -9.46 -2.19
C SER A 679 -21.60 -8.31 -2.82
N GLY A 680 -21.09 -7.75 -3.91
CA GLY A 680 -21.72 -6.64 -4.65
C GLY A 680 -20.88 -6.20 -5.86
N PRO A 681 -21.42 -5.28 -6.70
CA PRO A 681 -20.69 -4.77 -7.86
C PRO A 681 -19.81 -3.55 -7.55
N ILE A 682 -18.87 -3.25 -8.45
CA ILE A 682 -18.03 -2.01 -8.44
C ILE A 682 -18.02 -1.43 -9.86
N PHE A 683 -18.16 -0.10 -9.96
CA PHE A 683 -18.07 0.70 -11.21
C PHE A 683 -16.87 1.65 -11.09
N ASP A 684 -15.86 1.48 -11.95
CA ASP A 684 -14.61 2.28 -11.92
C ASP A 684 -14.01 2.33 -13.34
N TYR A 685 -14.72 3.02 -14.25
CA TYR A 685 -14.36 3.15 -15.69
C TYR A 685 -13.20 4.14 -15.88
N ASN A 686 -13.07 5.11 -14.98
CA ASN A 686 -11.98 6.13 -14.98
C ASN A 686 -10.81 5.64 -14.09
N TYR A 687 -10.90 4.40 -13.59
CA TYR A 687 -9.83 3.65 -12.87
C TYR A 687 -9.07 4.58 -11.90
N ASP A 688 -9.80 5.33 -11.07
CA ASP A 688 -9.23 6.22 -10.02
C ASP A 688 -9.35 5.55 -8.64
N GLY A 689 -9.89 4.32 -8.60
CA GLY A 689 -10.05 3.53 -7.35
C GLY A 689 -11.16 4.08 -6.47
N LEU A 690 -12.01 4.96 -7.00
CA LEU A 690 -13.15 5.61 -6.29
C LEU A 690 -14.47 5.18 -6.95
N ARG A 691 -15.56 5.24 -6.20
CA ARG A 691 -16.94 4.93 -6.67
C ARG A 691 -17.31 5.87 -7.82
N ASP A 692 -17.74 5.31 -8.96
CA ASP A 692 -18.19 6.07 -10.15
C ASP A 692 -19.58 6.65 -9.88
N THR A 693 -19.81 7.89 -10.33
CA THR A 693 -21.15 8.51 -10.47
C THR A 693 -21.81 7.96 -11.75
N GLU A 694 -23.11 8.15 -11.91
CA GLU A 694 -23.91 7.58 -13.03
C GLU A 694 -23.34 8.02 -14.38
N ASP A 695 -22.89 9.27 -14.48
CA ASP A 695 -22.38 9.91 -15.73
C ASP A 695 -21.04 9.30 -16.14
N GLU A 696 -20.26 8.78 -15.17
CA GLU A 696 -18.89 8.25 -15.40
C GLU A 696 -18.94 6.81 -15.91
N ILE A 697 -20.11 6.17 -15.91
CA ILE A 697 -20.33 4.79 -16.44
C ILE A 697 -20.39 4.87 -17.97
N LYS A 698 -19.47 4.21 -18.67
CA LYS A 698 -19.29 4.27 -20.14
C LYS A 698 -20.13 3.20 -20.83
N GLN A 699 -20.14 1.98 -20.29
CA GLN A 699 -20.82 0.79 -20.89
C GLN A 699 -22.09 0.47 -20.09
N TYR A 700 -23.22 0.33 -20.79
CA TYR A 700 -24.51 -0.19 -20.27
C TYR A 700 -24.89 -1.44 -21.06
N VAL A 701 -25.84 -2.24 -20.55
CA VAL A 701 -26.39 -3.44 -21.24
C VAL A 701 -27.15 -2.94 -22.49
N GLU A 702 -26.92 -3.58 -23.64
CA GLU A 702 -27.41 -3.15 -24.97
C GLU A 702 -28.88 -2.73 -24.89
N GLY A 703 -29.17 -1.47 -25.24
CA GLY A 703 -30.54 -0.91 -25.34
C GLY A 703 -31.27 -0.94 -24.01
N SER A 704 -30.62 -0.51 -22.93
CA SER A 704 -31.19 -0.44 -21.55
C SER A 704 -30.41 0.59 -20.72
N SER A 705 -30.90 0.87 -19.50
CA SER A 705 -30.29 1.80 -18.52
C SER A 705 -29.67 1.00 -17.36
N ILE A 706 -29.21 -0.23 -17.64
CA ILE A 706 -28.56 -1.14 -16.66
C ILE A 706 -27.05 -0.96 -16.77
N PRO A 707 -26.38 -0.38 -15.76
CA PRO A 707 -24.92 -0.16 -15.82
C PRO A 707 -24.15 -1.47 -15.60
N VAL A 708 -23.06 -1.65 -16.35
CA VAL A 708 -22.20 -2.87 -16.32
C VAL A 708 -21.08 -2.66 -15.30
N PRO A 709 -21.07 -3.40 -14.17
CA PRO A 709 -19.96 -3.33 -13.21
C PRO A 709 -18.61 -3.70 -13.85
N THR A 710 -17.55 -2.97 -13.49
CA THR A 710 -16.15 -3.21 -13.94
C THR A 710 -15.52 -4.32 -13.09
N HIS A 711 -15.98 -4.48 -11.85
CA HIS A 711 -15.49 -5.50 -10.87
C HIS A 711 -16.66 -6.00 -10.01
N TYR A 712 -16.46 -7.14 -9.33
CA TYR A 712 -17.36 -7.71 -8.30
C TYR A 712 -16.53 -8.05 -7.05
N TYR A 713 -16.88 -7.47 -5.90
CA TYR A 713 -16.17 -7.65 -4.61
C TYR A 713 -16.86 -8.74 -3.79
N SER A 714 -16.17 -9.21 -2.74
CA SER A 714 -16.68 -10.20 -1.75
C SER A 714 -15.88 -10.08 -0.45
N ILE A 715 -16.50 -9.57 0.61
CA ILE A 715 -15.90 -9.46 1.97
C ILE A 715 -16.30 -10.71 2.77
N ILE A 716 -15.38 -11.66 2.91
CA ILE A 716 -15.58 -12.97 3.62
C ILE A 716 -15.00 -12.85 5.03
N THR A 717 -15.85 -12.63 6.03
CA THR A 717 -15.47 -12.46 7.46
C THR A 717 -15.72 -13.75 8.23
N SER A 718 -14.92 -14.00 9.27
CA SER A 718 -15.03 -15.15 10.20
C SER A 718 -14.46 -14.76 11.57
N CYS A 719 -14.48 -15.69 12.53
CA CYS A 719 -13.89 -15.52 13.88
C CYS A 719 -12.41 -15.91 13.85
N LEU A 720 -11.53 -15.06 14.38
CA LEU A 720 -10.06 -15.31 14.48
C LEU A 720 -9.85 -16.61 15.27
N ASP A 721 -10.53 -16.75 16.41
CA ASP A 721 -10.62 -18.01 17.18
C ASP A 721 -11.57 -18.96 16.44
N PHE A 722 -11.00 -19.87 15.64
CA PHE A 722 -11.74 -20.75 14.68
C PHE A 722 -12.55 -21.82 15.43
N THR A 723 -12.30 -22.00 16.74
CA THR A 723 -13.08 -22.89 17.63
C THR A 723 -14.52 -22.37 17.75
N GLN A 724 -14.68 -21.04 17.80
CA GLN A 724 -16.00 -20.35 17.87
C GLN A 724 -16.53 -20.16 16.45
N PRO A 725 -17.84 -20.38 16.20
CA PRO A 725 -18.43 -20.15 14.87
C PRO A 725 -18.56 -18.65 14.56
N ALA A 726 -18.81 -18.32 13.29
CA ALA A 726 -18.89 -16.94 12.74
C ALA A 726 -19.86 -16.10 13.60
N ASP A 727 -21.11 -16.56 13.71
CA ASP A 727 -22.10 -16.03 14.69
C ASP A 727 -21.72 -16.57 16.07
N LYS A 728 -21.93 -15.79 17.12
CA LYS A 728 -21.53 -16.10 18.53
C LYS A 728 -20.00 -16.02 18.66
N CYS A 729 -19.36 -15.11 17.91
CA CYS A 729 -17.91 -14.80 17.99
C CYS A 729 -17.71 -13.52 18.80
N ASP A 730 -17.37 -13.67 20.10
CA ASP A 730 -17.14 -12.55 21.05
C ASP A 730 -15.71 -12.02 20.88
N GLY A 731 -14.78 -12.87 20.44
CA GLY A 731 -13.36 -12.56 20.25
C GLY A 731 -13.10 -11.78 18.97
N PRO A 732 -11.81 -11.52 18.61
CA PRO A 732 -11.46 -10.80 17.39
C PRO A 732 -11.97 -11.44 16.10
N LEU A 733 -11.98 -10.67 15.01
CA LEU A 733 -12.51 -11.07 13.66
C LEU A 733 -11.33 -11.40 12.72
N SER A 734 -11.56 -12.34 11.81
CA SER A 734 -10.64 -12.71 10.69
C SER A 734 -11.34 -12.43 9.36
N VAL A 735 -10.66 -11.78 8.41
CA VAL A 735 -11.25 -11.28 7.13
C VAL A 735 -10.33 -11.62 5.95
N SER A 736 -10.94 -11.99 4.82
CA SER A 736 -10.31 -12.09 3.48
C SER A 736 -11.27 -11.46 2.46
N SER A 737 -10.74 -10.70 1.50
CA SER A 737 -11.53 -9.93 0.50
C SER A 737 -10.91 -10.04 -0.89
N PHE A 738 -11.74 -9.95 -1.93
CA PHE A 738 -11.36 -9.97 -3.37
C PHE A 738 -12.04 -8.80 -4.09
N ILE A 739 -11.46 -8.37 -5.22
CA ILE A 739 -12.10 -7.47 -6.22
C ILE A 739 -11.81 -8.03 -7.62
N LEU A 740 -12.64 -8.99 -8.07
CA LEU A 740 -12.45 -9.73 -9.33
C LEU A 740 -12.85 -8.83 -10.50
N PRO A 741 -11.97 -8.65 -11.51
CA PRO A 741 -12.30 -7.81 -12.67
C PRO A 741 -13.33 -8.48 -13.59
N HIS A 742 -14.40 -7.76 -13.91
CA HIS A 742 -15.52 -8.22 -14.78
C HIS A 742 -15.05 -8.19 -16.24
N ARG A 743 -14.28 -9.21 -16.64
CA ARG A 743 -13.64 -9.31 -17.99
C ARG A 743 -14.52 -10.15 -18.91
N PRO A 744 -14.67 -9.76 -20.20
CA PRO A 744 -15.44 -10.55 -21.16
C PRO A 744 -14.71 -11.82 -21.64
N ASP A 745 -13.43 -11.96 -21.29
CA ASP A 745 -12.58 -13.15 -21.57
C ASP A 745 -11.85 -13.56 -20.29
N ASN A 746 -11.12 -14.68 -20.33
CA ASN A 746 -10.25 -15.17 -19.23
C ASN A 746 -8.82 -15.30 -19.77
N ASP A 747 -8.38 -14.32 -20.57
CA ASP A 747 -7.03 -14.27 -21.19
C ASP A 747 -5.98 -14.06 -20.09
N GLU A 748 -6.35 -13.42 -18.98
CA GLU A 748 -5.48 -13.21 -17.79
C GLU A 748 -5.06 -14.57 -17.22
N SER A 749 -5.93 -15.58 -17.31
CA SER A 749 -5.69 -16.98 -16.84
C SER A 749 -5.31 -17.86 -18.04
N CYS A 750 -4.02 -18.19 -18.17
CA CYS A 750 -3.45 -18.97 -19.31
C CYS A 750 -3.97 -20.42 -19.29
N ALA A 751 -4.41 -20.93 -18.14
CA ALA A 751 -4.91 -22.30 -17.94
C ALA A 751 -6.44 -22.32 -17.80
N SER A 752 -7.13 -21.36 -18.45
CA SER A 752 -8.61 -21.19 -18.41
C SER A 752 -9.30 -22.26 -19.26
N SER A 753 -8.56 -22.96 -20.12
CA SER A 753 -9.04 -24.11 -20.94
C SER A 753 -9.41 -25.29 -20.03
N GLU A 754 -8.60 -25.53 -18.99
CA GLU A 754 -8.76 -26.67 -18.04
C GLU A 754 -9.87 -26.34 -17.03
N ASP A 755 -10.19 -27.30 -16.16
CA ASP A 755 -11.26 -27.21 -15.12
C ASP A 755 -11.01 -25.97 -14.25
N GLU A 756 -12.09 -25.36 -13.76
CA GLU A 756 -12.08 -24.10 -12.95
C GLU A 756 -11.12 -24.24 -11.76
N SER A 757 -11.07 -25.43 -11.14
CA SER A 757 -10.24 -25.75 -9.95
C SER A 757 -8.76 -25.44 -10.20
N LYS A 758 -8.30 -25.54 -11.46
CA LYS A 758 -6.88 -25.35 -11.86
C LYS A 758 -6.50 -23.86 -11.79
N TRP A 759 -7.37 -22.96 -12.25
CA TRP A 759 -7.02 -21.53 -12.55
C TRP A 759 -7.83 -20.54 -11.70
N VAL A 760 -9.14 -20.75 -11.53
CA VAL A 760 -10.09 -19.76 -10.92
C VAL A 760 -9.52 -19.24 -9.59
N GLU A 761 -9.05 -20.13 -8.72
CA GLU A 761 -8.58 -19.80 -7.36
C GLU A 761 -7.31 -18.94 -7.43
N GLU A 762 -6.42 -19.23 -8.39
CA GLU A 762 -5.16 -18.48 -8.65
C GLU A 762 -5.50 -17.02 -8.99
N LEU A 763 -6.52 -16.81 -9.85
CA LEU A 763 -6.99 -15.48 -10.30
C LEU A 763 -7.45 -14.66 -9.09
N MET A 764 -8.21 -15.27 -8.18
CA MET A 764 -8.83 -14.60 -6.99
C MET A 764 -7.73 -14.13 -6.03
N LYS A 765 -6.76 -15.00 -5.72
CA LYS A 765 -5.63 -14.70 -4.79
C LYS A 765 -4.80 -13.53 -5.34
N MET A 766 -4.64 -13.47 -6.68
CA MET A 766 -3.93 -12.38 -7.40
C MET A 766 -4.71 -11.07 -7.24
N HIS A 767 -6.05 -11.14 -7.19
CA HIS A 767 -6.97 -9.96 -7.09
C HIS A 767 -7.51 -9.84 -5.66
N THR A 768 -6.80 -10.38 -4.67
CA THR A 768 -7.05 -10.15 -3.22
C THR A 768 -7.04 -8.63 -2.97
N ALA A 769 -7.80 -8.18 -1.96
CA ALA A 769 -8.00 -6.74 -1.66
C ALA A 769 -8.22 -6.52 -0.17
N ARG A 770 -8.18 -5.25 0.26
CA ARG A 770 -8.57 -4.79 1.62
C ARG A 770 -10.05 -4.39 1.59
N VAL A 771 -10.64 -4.14 2.77
CA VAL A 771 -12.03 -3.64 2.89
C VAL A 771 -12.05 -2.15 2.49
N ARG A 772 -11.03 -1.39 2.88
CA ARG A 772 -10.88 0.06 2.55
C ARG A 772 -10.90 0.25 1.02
N ASP A 773 -10.21 -0.64 0.28
CA ASP A 773 -10.17 -0.64 -1.21
C ASP A 773 -11.60 -0.73 -1.75
N ILE A 774 -12.42 -1.64 -1.19
CA ILE A 774 -13.84 -1.86 -1.58
C ILE A 774 -14.67 -0.63 -1.16
N GLU A 775 -14.45 -0.12 0.06
CA GLU A 775 -15.19 1.04 0.63
C GLU A 775 -15.00 2.27 -0.27
N HIS A 776 -13.78 2.49 -0.76
CA HIS A 776 -13.44 3.59 -1.71
C HIS A 776 -14.19 3.39 -3.03
N LEU A 777 -14.26 2.15 -3.52
CA LEU A 777 -14.85 1.78 -4.83
C LEU A 777 -16.39 1.68 -4.74
N THR A 778 -16.94 1.44 -3.55
CA THR A 778 -18.39 1.23 -3.32
C THR A 778 -19.01 2.44 -2.59
N GLY A 779 -18.21 3.24 -1.90
CA GLY A 779 -18.68 4.38 -1.07
C GLY A 779 -19.52 3.91 0.10
N LEU A 780 -19.22 2.71 0.63
CA LEU A 780 -19.93 2.08 1.78
C LEU A 780 -18.98 2.06 2.98
N ASP A 781 -19.50 1.70 4.16
CA ASP A 781 -18.73 1.55 5.42
C ASP A 781 -19.23 0.30 6.16
N PHE A 782 -18.36 -0.71 6.32
CA PHE A 782 -18.68 -2.04 6.90
C PHE A 782 -18.25 -2.07 8.38
N TYR A 783 -18.66 -3.13 9.10
CA TYR A 783 -18.28 -3.43 10.51
C TYR A 783 -18.66 -2.25 11.42
N ARG A 784 -19.91 -1.81 11.35
CA ARG A 784 -20.44 -0.63 12.10
C ARG A 784 -21.08 -1.07 13.43
N LYS A 785 -21.43 -2.36 13.56
CA LYS A 785 -22.03 -2.94 14.79
C LYS A 785 -21.22 -4.18 15.20
N THR A 786 -20.11 -3.98 15.91
CA THR A 786 -19.18 -5.04 16.39
C THR A 786 -19.00 -4.93 17.90
N SER A 787 -18.29 -5.89 18.50
CA SER A 787 -17.87 -5.91 19.93
C SER A 787 -16.47 -5.30 20.06
N ARG A 788 -15.89 -4.84 18.96
CA ARG A 788 -14.47 -4.37 18.84
C ARG A 788 -14.43 -2.85 18.90
N SER A 789 -13.31 -2.29 19.36
CA SER A 789 -12.99 -0.83 19.30
C SER A 789 -12.82 -0.43 17.84
N TYR A 790 -13.23 0.79 17.48
CA TYR A 790 -13.28 1.29 16.07
C TYR A 790 -11.87 1.29 15.46
N SER A 791 -10.84 1.61 16.25
CA SER A 791 -9.41 1.65 15.83
C SER A 791 -8.94 0.23 15.46
N GLU A 792 -9.44 -0.78 16.18
CA GLU A 792 -9.15 -2.22 15.91
C GLU A 792 -9.82 -2.63 14.60
N ILE A 793 -11.01 -2.10 14.32
CA ILE A 793 -11.80 -2.35 13.07
C ILE A 793 -11.07 -1.71 11.89
N LEU A 794 -10.47 -0.53 12.08
CA LEU A 794 -9.68 0.19 11.03
C LEU A 794 -8.49 -0.69 10.61
N THR A 795 -7.87 -1.40 11.55
CA THR A 795 -6.75 -2.35 11.30
C THR A 795 -7.27 -3.53 10.48
N LEU A 796 -8.41 -4.10 10.88
CA LEU A 796 -9.10 -5.22 10.18
C LEU A 796 -9.42 -4.82 8.73
N LYS A 797 -9.80 -3.56 8.53
CA LYS A 797 -10.20 -3.00 7.20
C LYS A 797 -8.98 -2.80 6.30
N THR A 798 -7.80 -2.56 6.90
CA THR A 798 -6.51 -2.33 6.16
C THR A 798 -5.78 -3.67 5.94
N TYR A 799 -6.24 -4.75 6.57
CA TYR A 799 -5.62 -6.11 6.46
C TYR A 799 -5.76 -6.60 5.01
N LEU A 800 -4.68 -7.20 4.49
CA LEU A 800 -4.61 -7.77 3.12
C LEU A 800 -4.10 -9.22 3.22
N HIS A 801 -4.93 -10.19 2.80
CA HIS A 801 -4.56 -11.63 2.69
C HIS A 801 -3.74 -11.83 1.41
N THR A 802 -2.48 -12.23 1.54
CA THR A 802 -1.47 -12.29 0.44
C THR A 802 -1.31 -13.73 -0.07
N TYR A 803 -1.48 -14.72 0.80
CA TYR A 803 -1.36 -16.18 0.49
C TYR A 803 0.10 -16.50 0.13
N GLU A 804 1.05 -15.98 0.93
CA GLU A 804 2.50 -16.15 0.73
C GLU A 804 3.04 -17.11 1.80
N SER A 805 3.65 -16.57 2.87
#